data_7VTF
#
_entry.id   7VTF
#
_cell.length_a   185.999
_cell.length_b   185.999
_cell.length_c   50.96
_cell.angle_alpha   90.0
_cell.angle_beta   90.0
_cell.angle_gamma   120.0
#
_symmetry.space_group_name_H-M   'P 3'
#
loop_
_entity.id
_entity.type
_entity.pdbx_description
1 polymer 'Pseudouridine kinase'
2 non-polymer 4-AMINO-1-BETA-D-RIBOFURANOSYL-2(1H)-PYRIMIDINONE
3 water water
#
_entity_poly.entity_id   1
_entity_poly.type   'polypeptide(L)'
_entity_poly.pdbx_seq_one_letter_code
;MREKDYVVIIGSANIDVAGYSHESLNYADSNPGKIKFTPGGVGRNIAQNLALLGNKAWLLSAVGSDFYGQSLLTQTNQSG
VYVDKCLIVPGENTSSYLSLLDNTGEMLVAINDMNISNAITAEYLAQHREFIQRAKVIVADCNISEEALAWILDNAANVP
VFVDPVSAWKCVKVRDRLNQIHTLKPNRLEAETLSGIALSGRDDVAKVAAWFHQHGLNRLVLSMGGDGVYYSDIRGENGW
SAPIKTNVINVTGAGDAMMAGLASCWVDGMPFAESVRFAQGCSSMALSCEYTNNPDLSIANVISLVENAECLN
;
_entity_poly.pdbx_strand_id   A,B,C,D
#
loop_
_chem_comp.id
_chem_comp.type
_chem_comp.name
_chem_comp.formula
CTN non-polymer 4-AMINO-1-BETA-D-RIBOFURANOSYL-2(1H)-PYRIMIDINONE 'C9 H13 N3 O5'
#
# COMPACT_ATOMS: atom_id res chain seq x y z
N LYS A 4 1.24 -11.76 -26.05
CA LYS A 4 0.89 -11.39 -24.68
C LYS A 4 1.06 -9.89 -24.44
N ASP A 5 1.15 -9.13 -25.53
CA ASP A 5 1.23 -7.69 -25.43
C ASP A 5 -0.16 -7.08 -25.37
N TYR A 6 -0.41 -6.25 -24.37
CA TYR A 6 -1.70 -5.60 -24.26
C TYR A 6 -1.57 -4.09 -24.13
N VAL A 7 -2.63 -3.40 -24.53
CA VAL A 7 -2.71 -1.95 -24.47
C VAL A 7 -3.77 -1.56 -23.44
N VAL A 8 -3.51 -0.53 -22.65
CA VAL A 8 -4.49 -0.08 -21.68
C VAL A 8 -5.05 1.28 -22.04
N ILE A 9 -6.38 1.36 -22.13
CA ILE A 9 -7.04 2.61 -22.43
C ILE A 9 -7.81 3.08 -21.20
N ILE A 10 -7.51 4.30 -20.76
CA ILE A 10 -8.13 4.84 -19.57
C ILE A 10 -8.91 6.10 -19.93
N GLY A 11 -10.23 5.98 -19.90
CA GLY A 11 -11.09 7.06 -20.34
C GLY A 11 -12.55 6.81 -20.04
N SER A 12 -13.43 7.54 -20.73
CA SER A 12 -14.85 7.50 -20.44
C SER A 12 -15.59 6.55 -21.35
N ALA A 13 -16.58 5.86 -20.79
CA ALA A 13 -17.48 5.02 -21.57
C ALA A 13 -18.89 5.58 -21.49
N ASN A 14 -19.44 5.99 -22.62
CA ASN A 14 -20.72 6.65 -22.64
C ASN A 14 -21.76 5.90 -23.46
N ILE A 15 -23.01 6.32 -23.35
CA ILE A 15 -24.04 5.92 -24.30
C ILE A 15 -24.50 7.16 -25.05
N ASP A 16 -24.27 7.19 -26.36
CA ASP A 16 -24.76 8.28 -27.17
C ASP A 16 -26.17 7.97 -27.65
N VAL A 17 -27.13 8.81 -27.28
CA VAL A 17 -28.48 8.64 -27.79
C VAL A 17 -28.81 9.81 -28.72
N ALA A 18 -29.08 9.50 -29.98
CA ALA A 18 -29.34 10.53 -30.97
C ALA A 18 -30.76 10.44 -31.51
N GLY A 19 -31.53 11.53 -31.36
CA GLY A 19 -32.88 11.53 -31.88
C GLY A 19 -33.12 12.60 -32.92
N TYR A 20 -33.79 12.24 -34.01
CA TYR A 20 -34.20 13.26 -34.99
C TYR A 20 -35.60 13.02 -35.54
N SER A 21 -36.32 14.12 -35.77
CA SER A 21 -37.70 14.06 -36.23
C SER A 21 -37.82 14.07 -37.76
N HIS A 22 -39.07 14.05 -38.23
CA HIS A 22 -39.39 14.15 -39.65
C HIS A 22 -40.91 14.16 -39.84
N LEU A 25 -42.47 19.00 -37.06
CA LEU A 25 -41.09 18.85 -36.60
C LEU A 25 -40.93 19.55 -35.24
N ASN A 26 -41.96 20.30 -34.82
CA ASN A 26 -41.80 21.26 -33.70
C ASN A 26 -42.72 21.18 -32.50
N TYR A 27 -42.50 22.13 -31.62
CA TYR A 27 -42.32 21.84 -30.19
C TYR A 27 -43.56 21.66 -29.31
N ALA A 28 -43.30 21.30 -28.06
CA ALA A 28 -44.31 20.98 -27.06
C ALA A 28 -45.27 19.86 -27.50
N ASP A 29 -44.72 18.83 -28.14
CA ASP A 29 -45.50 17.69 -28.65
C ASP A 29 -44.73 16.38 -28.81
N SER A 30 -45.44 15.28 -28.56
CA SER A 30 -44.89 13.95 -28.73
C SER A 30 -44.55 13.84 -30.22
N ASN A 31 -43.31 14.16 -30.59
CA ASN A 31 -43.00 14.21 -32.01
C ASN A 31 -42.39 12.89 -32.46
N PRO A 32 -43.04 12.24 -33.42
CA PRO A 32 -42.56 10.98 -34.00
C PRO A 32 -41.24 11.17 -34.74
N GLY A 33 -40.29 10.28 -34.51
CA GLY A 33 -38.99 10.41 -35.14
C GLY A 33 -38.22 9.11 -35.09
N LYS A 34 -36.90 9.23 -35.02
CA LYS A 34 -36.03 8.07 -34.92
C LYS A 34 -34.98 8.30 -33.85
N ILE A 35 -34.82 7.30 -32.99
CA ILE A 35 -33.88 7.38 -31.88
C ILE A 35 -32.87 6.25 -32.00
N LYS A 36 -31.59 6.59 -31.86
CA LYS A 36 -30.51 5.62 -31.98
C LYS A 36 -29.66 5.56 -30.71
N PHE A 37 -29.46 4.34 -30.20
CA PHE A 37 -28.52 4.09 -29.12
C PHE A 37 -27.20 3.57 -29.67
N THR A 38 -26.13 4.31 -29.44
CA THR A 38 -24.80 3.86 -29.82
C THR A 38 -23.88 3.83 -28.60
N PRO A 39 -22.86 2.98 -28.63
CA PRO A 39 -21.82 3.05 -27.59
C PRO A 39 -20.85 4.17 -27.91
N GLY A 40 -20.47 4.95 -26.89
CA GLY A 40 -19.59 6.09 -27.10
C GLY A 40 -18.60 6.30 -25.98
N GLY A 41 -18.09 7.53 -25.88
CA GLY A 41 -17.07 7.83 -24.90
C GLY A 41 -15.69 7.69 -25.51
N VAL A 42 -14.90 8.75 -25.42
CA VAL A 42 -13.59 8.82 -26.06
C VAL A 42 -12.71 7.60 -25.79
N GLY A 43 -12.54 7.28 -24.51
CA GLY A 43 -11.74 6.14 -24.11
C GLY A 43 -12.26 4.83 -24.68
N ARG A 44 -13.54 4.57 -24.46
CA ARG A 44 -14.17 3.34 -24.92
C ARG A 44 -14.06 3.20 -26.43
N ASN A 45 -14.32 4.28 -27.15
CA ASN A 45 -14.20 4.31 -28.61
C ASN A 45 -12.78 3.98 -29.08
N ILE A 46 -11.79 4.55 -28.38
CA ILE A 46 -10.40 4.31 -28.74
C ILE A 46 -10.06 2.85 -28.52
N ALA A 47 -10.52 2.30 -27.39
CA ALA A 47 -10.31 0.89 -27.09
C ALA A 47 -10.90 0.00 -28.17
N GLN A 48 -12.10 0.34 -28.63
CA GLN A 48 -12.77 -0.45 -29.65
C GLN A 48 -12.03 -0.40 -30.97
N ASN A 49 -11.58 0.79 -31.36
CA ASN A 49 -10.80 0.92 -32.58
C ASN A 49 -9.47 0.17 -32.51
N LEU A 50 -8.89 0.12 -31.31
CA LEU A 50 -7.65 -0.62 -31.13
C LEU A 50 -7.91 -2.11 -31.30
N ALA A 51 -9.02 -2.58 -30.73
CA ALA A 51 -9.40 -3.99 -30.86
C ALA A 51 -9.65 -4.35 -32.32
N LEU A 52 -10.31 -3.44 -33.04
CA LEU A 52 -10.54 -3.65 -34.48
C LEU A 52 -9.25 -3.56 -35.27
N LEU A 53 -8.22 -2.95 -34.68
CA LEU A 53 -6.92 -2.90 -35.33
C LEU A 53 -6.07 -4.12 -34.98
N GLY A 54 -6.55 -4.93 -34.04
CA GLY A 54 -5.92 -6.21 -33.75
C GLY A 54 -5.19 -6.28 -32.43
N ASN A 55 -5.08 -5.15 -31.74
CA ASN A 55 -4.39 -5.12 -30.45
C ASN A 55 -5.29 -5.65 -29.35
N LYS A 56 -4.67 -6.22 -28.32
CA LYS A 56 -5.42 -6.71 -27.18
C LYS A 56 -5.63 -5.53 -26.24
N ALA A 57 -6.87 -5.03 -26.16
CA ALA A 57 -7.11 -3.77 -25.49
C ALA A 57 -7.94 -3.93 -24.21
N TRP A 58 -7.42 -3.38 -23.12
CA TRP A 58 -8.13 -3.38 -21.85
C TRP A 58 -8.68 -2.00 -21.54
N LEU A 59 -9.97 -1.94 -21.22
CA LEU A 59 -10.60 -0.67 -20.90
C LEU A 59 -10.72 -0.47 -19.40
N LEU A 60 -10.16 0.64 -18.91
CA LEU A 60 -10.32 1.02 -17.52
C LEU A 60 -11.22 2.23 -17.46
N SER A 61 -12.52 1.98 -17.33
CA SER A 61 -13.53 3.02 -17.37
C SER A 61 -14.51 2.85 -16.22
N ALA A 62 -15.56 3.66 -16.22
CA ALA A 62 -16.56 3.60 -15.17
C ALA A 62 -17.97 3.60 -15.74
N VAL A 63 -18.79 2.66 -15.28
CA VAL A 63 -20.19 2.62 -15.67
C VAL A 63 -21.06 2.38 -14.44
N GLY A 64 -22.33 2.77 -14.52
CA GLY A 64 -23.21 2.73 -13.37
C GLY A 64 -23.75 1.35 -13.04
N SER A 65 -24.37 1.23 -11.87
CA SER A 65 -24.97 -0.03 -11.44
C SER A 65 -26.24 -0.34 -12.22
N ASP A 66 -26.70 0.61 -13.03
CA ASP A 66 -27.85 0.39 -13.90
C ASP A 66 -27.55 -0.72 -14.91
N PHE A 67 -28.58 -1.22 -15.56
CA PHE A 67 -28.43 -2.37 -16.46
C PHE A 67 -27.89 -1.95 -17.83
N TYR A 68 -28.20 -0.72 -18.22
CA TYR A 68 -27.78 -0.20 -19.52
C TYR A 68 -26.28 0.00 -19.57
N GLY A 69 -25.68 0.26 -18.41
CA GLY A 69 -24.24 0.28 -18.27
C GLY A 69 -23.68 -1.07 -18.64
N GLN A 70 -24.25 -2.12 -18.05
CA GLN A 70 -23.87 -3.49 -18.35
C GLN A 70 -24.02 -3.83 -19.82
N SER A 71 -25.02 -3.24 -20.49
CA SER A 71 -25.17 -3.58 -21.90
C SER A 71 -24.20 -2.79 -22.78
N LEU A 72 -23.75 -1.65 -22.25
CA LEU A 72 -22.65 -0.92 -22.86
C LEU A 72 -21.39 -1.77 -22.80
N LEU A 73 -21.06 -2.22 -21.59
CA LEU A 73 -19.92 -3.10 -21.36
C LEU A 73 -19.95 -4.37 -22.22
N THR A 74 -21.12 -5.00 -22.33
CA THR A 74 -21.24 -6.24 -23.10
C THR A 74 -20.98 -6.01 -24.60
N GLN A 75 -21.65 -4.98 -25.13
CA GLN A 75 -21.50 -4.58 -26.53
C GLN A 75 -20.03 -4.34 -26.83
N THR A 76 -19.41 -3.58 -25.93
CA THR A 76 -18.02 -3.24 -26.08
C THR A 76 -17.15 -4.51 -25.99
N ASN A 77 -17.51 -5.44 -25.11
CA ASN A 77 -16.70 -6.64 -24.94
C ASN A 77 -16.59 -7.49 -26.20
N GLN A 78 -17.71 -7.82 -26.83
CA GLN A 78 -17.54 -8.60 -28.07
C GLN A 78 -17.48 -7.67 -29.26
N SER A 79 -17.12 -6.41 -29.01
CA SER A 79 -16.60 -5.64 -30.11
C SER A 79 -15.13 -6.00 -30.16
N GLY A 80 -14.69 -6.72 -29.13
CA GLY A 80 -13.34 -7.24 -29.01
C GLY A 80 -12.58 -6.78 -27.79
N VAL A 81 -13.13 -5.79 -27.07
CA VAL A 81 -12.44 -5.18 -25.94
C VAL A 81 -12.56 -5.97 -24.64
N TYR A 82 -11.47 -6.10 -23.90
CA TYR A 82 -11.52 -6.72 -22.58
C TYR A 82 -12.00 -5.69 -21.56
N VAL A 83 -13.24 -5.83 -21.11
CA VAL A 83 -13.85 -4.84 -20.22
C VAL A 83 -13.96 -5.31 -18.78
N ASP A 84 -13.34 -6.44 -18.46
CA ASP A 84 -13.59 -7.11 -17.20
C ASP A 84 -12.91 -6.44 -16.00
N LYS A 85 -12.29 -5.28 -16.22
CA LYS A 85 -11.77 -4.50 -15.11
C LYS A 85 -12.41 -3.11 -15.05
N CYS A 86 -13.37 -2.84 -15.94
CA CYS A 86 -14.12 -1.59 -15.87
C CYS A 86 -14.86 -1.52 -14.55
N LEU A 87 -14.93 -0.34 -13.96
CA LEU A 87 -15.54 -0.21 -12.66
C LEU A 87 -17.06 -0.05 -12.78
N ILE A 88 -17.79 -0.99 -12.22
CA ILE A 88 -19.23 -0.84 -12.09
C ILE A 88 -19.50 -0.10 -10.79
N VAL A 89 -19.96 1.14 -10.90
CA VAL A 89 -20.19 1.95 -9.73
C VAL A 89 -21.66 1.92 -9.32
N PRO A 90 -21.91 1.48 -8.08
CA PRO A 90 -23.25 1.39 -7.50
C PRO A 90 -23.91 2.75 -7.26
N GLY A 91 -25.24 2.78 -7.33
CA GLY A 91 -26.01 3.94 -6.93
C GLY A 91 -26.06 5.08 -7.92
N GLU A 92 -25.06 5.17 -8.78
CA GLU A 92 -24.99 6.26 -9.73
C GLU A 92 -25.24 5.74 -11.13
N ASN A 93 -25.77 6.59 -12.01
CA ASN A 93 -26.20 6.13 -13.33
C ASN A 93 -25.11 6.34 -14.39
N THR A 94 -25.12 5.46 -15.39
CA THR A 94 -24.13 5.47 -16.45
C THR A 94 -24.16 6.77 -17.25
N SER A 95 -22.98 7.33 -17.51
CA SER A 95 -22.85 8.59 -18.20
C SER A 95 -23.38 8.50 -19.62
N SER A 96 -23.72 9.63 -20.22
CA SER A 96 -24.31 9.61 -21.55
C SER A 96 -24.21 10.91 -22.33
N TYR A 97 -24.34 10.80 -23.65
CA TYR A 97 -24.34 11.94 -24.55
C TYR A 97 -25.64 11.97 -25.34
N LEU A 98 -26.57 12.77 -24.84
CA LEU A 98 -27.85 13.02 -25.49
C LEU A 98 -27.64 14.00 -26.63
N SER A 99 -28.32 13.77 -27.74
CA SER A 99 -28.13 14.64 -28.89
C SER A 99 -29.38 14.69 -29.78
N LEU A 100 -29.95 15.89 -29.85
CA LEU A 100 -31.11 16.22 -30.67
C LEU A 100 -30.70 16.80 -32.00
N LEU A 101 -30.93 16.02 -33.06
CA LEU A 101 -30.60 16.40 -34.42
C LEU A 101 -31.84 16.62 -35.29
N ASP A 102 -31.55 16.83 -36.57
CA ASP A 102 -32.52 16.78 -37.68
C ASP A 102 -31.63 16.79 -38.92
N ASN A 103 -32.03 16.10 -39.99
CA ASN A 103 -31.42 16.25 -41.34
C ASN A 103 -30.01 16.84 -41.41
N GLU A 106 -28.21 17.80 -39.16
CA GLU A 106 -27.86 19.11 -38.63
C GLU A 106 -28.24 19.15 -37.14
N MET A 107 -27.22 19.04 -36.30
CA MET A 107 -27.32 18.95 -34.84
C MET A 107 -27.88 20.25 -34.20
N LEU A 108 -29.02 20.09 -33.52
CA LEU A 108 -29.71 21.16 -32.78
C LEU A 108 -29.29 21.40 -31.33
N VAL A 109 -29.39 20.38 -30.47
CA VAL A 109 -28.91 20.61 -29.11
C VAL A 109 -28.30 19.31 -28.56
N ALA A 110 -27.48 19.40 -27.53
CA ALA A 110 -26.83 18.21 -26.97
C ALA A 110 -26.51 18.40 -25.52
N ILE A 111 -26.67 17.31 -24.79
CA ILE A 111 -26.42 17.30 -23.36
C ILE A 111 -25.43 16.19 -23.00
N ASN A 112 -24.46 16.49 -22.15
CA ASN A 112 -23.59 15.45 -21.66
C ASN A 112 -23.73 15.32 -20.15
N ASP A 113 -23.90 14.08 -19.69
CA ASP A 113 -23.94 13.79 -18.27
C ASP A 113 -22.76 12.87 -18.01
N MET A 114 -21.67 13.42 -17.48
CA MET A 114 -20.42 12.70 -17.39
C MET A 114 -19.70 12.84 -16.04
N ASN A 115 -20.44 12.71 -14.95
CA ASN A 115 -19.88 12.98 -13.63
C ASN A 115 -19.34 11.65 -13.10
N ILE A 116 -19.76 10.56 -13.72
CA ILE A 116 -19.27 9.26 -13.33
C ILE A 116 -17.81 9.07 -13.73
N SER A 117 -17.32 9.95 -14.60
CA SER A 117 -15.91 9.96 -14.96
C SER A 117 -15.05 10.21 -13.72
N ASN A 118 -15.62 10.93 -12.76
CA ASN A 118 -14.90 11.25 -11.53
C ASN A 118 -14.78 10.05 -10.61
N ALA A 119 -15.39 8.94 -10.99
CA ALA A 119 -15.26 7.70 -10.22
C ALA A 119 -14.03 6.92 -10.68
N ILE A 120 -13.51 7.27 -11.86
CA ILE A 120 -12.24 6.74 -12.33
C ILE A 120 -11.11 7.40 -11.53
N THR A 121 -10.89 6.89 -10.32
CA THR A 121 -10.03 7.57 -9.36
C THR A 121 -8.61 7.01 -9.33
N ALA A 122 -7.76 7.66 -8.54
CA ALA A 122 -6.38 7.23 -8.35
C ALA A 122 -6.33 5.92 -7.58
N GLU A 123 -7.24 5.80 -6.62
CA GLU A 123 -7.39 4.60 -5.82
C GLU A 123 -7.66 3.39 -6.72
N TYR A 124 -8.62 3.59 -7.63
CA TYR A 124 -9.05 2.60 -8.59
C TYR A 124 -7.90 2.11 -9.46
N LEU A 125 -7.21 3.05 -10.10
CA LEU A 125 -6.09 2.72 -10.99
C LEU A 125 -4.95 2.08 -10.20
N ALA A 126 -4.79 2.51 -8.95
CA ALA A 126 -3.77 1.98 -8.07
C ALA A 126 -4.04 0.51 -7.78
N GLN A 127 -5.33 0.14 -7.74
CA GLN A 127 -5.68 -1.26 -7.61
C GLN A 127 -5.25 -2.10 -8.83
N HIS A 128 -4.84 -1.42 -9.90
CA HIS A 128 -4.38 -2.11 -11.10
C HIS A 128 -3.03 -1.58 -11.55
N ARG A 129 -2.29 -1.02 -10.61
CA ARG A 129 -0.95 -0.50 -10.87
C ARG A 129 -0.06 -1.39 -11.73
N GLU A 130 0.14 -2.63 -11.32
CA GLU A 130 1.14 -3.46 -12.00
C GLU A 130 0.63 -3.83 -13.39
N PHE A 131 -0.67 -4.13 -13.50
CA PHE A 131 -1.25 -4.48 -14.79
C PHE A 131 -1.08 -3.33 -15.76
N ILE A 132 -1.29 -2.12 -15.27
CA ILE A 132 -1.13 -0.93 -16.09
C ILE A 132 0.34 -0.76 -16.49
N GLN A 133 1.24 -0.99 -15.52
CA GLN A 133 2.65 -0.76 -15.73
C GLN A 133 3.32 -1.83 -16.59
N ARG A 134 2.58 -2.90 -16.94
CA ARG A 134 3.18 -3.87 -17.85
C ARG A 134 2.43 -3.94 -19.19
N ALA A 135 1.80 -2.84 -19.56
CA ALA A 135 1.22 -2.71 -20.90
C ALA A 135 2.29 -2.15 -21.84
N LYS A 136 2.08 -2.26 -23.14
CA LYS A 136 3.03 -1.73 -24.10
C LYS A 136 2.82 -0.23 -24.31
N VAL A 137 1.59 0.22 -24.08
CA VAL A 137 1.27 1.64 -24.18
C VAL A 137 -0.02 1.93 -23.44
N ILE A 138 -0.08 3.07 -22.78
CA ILE A 138 -1.28 3.50 -22.08
C ILE A 138 -1.93 4.68 -22.76
N VAL A 139 -3.21 4.56 -23.11
CA VAL A 139 -3.94 5.67 -23.71
C VAL A 139 -4.94 6.26 -22.71
N ALA A 140 -4.83 7.56 -22.48
CA ALA A 140 -5.69 8.24 -21.52
C ALA A 140 -6.38 9.43 -22.18
N ASP A 141 -7.62 9.69 -21.78
CA ASP A 141 -8.30 10.90 -22.26
C ASP A 141 -8.46 11.89 -21.11
N CYS A 142 -8.76 13.13 -21.44
CA CYS A 142 -8.80 14.18 -20.42
C CYS A 142 -10.21 14.36 -19.85
N ASN A 143 -11.08 13.39 -20.09
CA ASN A 143 -12.38 13.34 -19.41
C ASN A 143 -12.20 12.99 -17.93
N ILE A 144 -11.13 12.28 -17.63
CA ILE A 144 -10.86 11.87 -16.25
C ILE A 144 -10.38 13.08 -15.46
N SER A 145 -10.38 12.95 -14.13
CA SER A 145 -10.03 14.07 -13.27
C SER A 145 -8.54 14.40 -13.37
N GLU A 146 -8.19 15.61 -12.96
CA GLU A 146 -6.81 16.07 -13.01
C GLU A 146 -5.93 15.20 -12.13
N GLU A 147 -6.48 14.77 -10.99
CA GLU A 147 -5.77 13.91 -10.05
C GLU A 147 -5.50 12.54 -10.67
N ALA A 148 -6.46 12.03 -11.42
CA ALA A 148 -6.34 10.70 -12.01
C ALA A 148 -5.31 10.69 -13.13
N LEU A 149 -5.36 11.72 -13.97
CA LEU A 149 -4.39 11.87 -15.05
C LEU A 149 -3.01 12.05 -14.45
N ALA A 150 -2.95 12.79 -13.36
CA ALA A 150 -1.69 13.02 -12.66
C ALA A 150 -1.16 11.70 -12.13
N TRP A 151 -2.04 10.83 -11.64
CA TRP A 151 -1.60 9.55 -11.12
C TRP A 151 -1.05 8.68 -12.25
N ILE A 152 -1.75 8.69 -13.38
CA ILE A 152 -1.32 7.88 -14.52
C ILE A 152 0.06 8.32 -14.98
N LEU A 153 0.23 9.63 -15.15
CA LEU A 153 1.50 10.15 -15.64
C LEU A 153 2.61 9.97 -14.61
N ASP A 154 2.25 9.95 -13.32
CA ASP A 154 3.23 9.78 -12.26
C ASP A 154 3.62 8.33 -12.03
N ASN A 155 2.80 7.39 -12.51
CA ASN A 155 3.05 5.98 -12.24
C ASN A 155 3.04 5.12 -13.50
N ALA A 156 3.55 5.67 -14.60
CA ALA A 156 3.52 4.96 -15.87
C ALA A 156 4.75 4.07 -16.06
N ALA A 157 5.75 4.27 -15.22
CA ALA A 157 6.96 3.44 -15.21
C ALA A 157 7.56 3.29 -16.60
N ASN A 158 7.77 4.43 -17.27
CA ASN A 158 8.37 4.49 -18.59
C ASN A 158 7.57 3.77 -19.67
N VAL A 159 6.30 3.52 -19.40
CA VAL A 159 5.38 3.09 -20.45
C VAL A 159 4.81 4.33 -21.10
N PRO A 160 4.97 4.45 -22.43
CA PRO A 160 4.51 5.64 -23.17
C PRO A 160 3.03 5.93 -22.96
N VAL A 161 2.72 7.14 -22.52
CA VAL A 161 1.34 7.56 -22.36
C VAL A 161 0.90 8.45 -23.51
N PHE A 162 -0.10 7.98 -24.25
CA PHE A 162 -0.74 8.75 -25.30
C PHE A 162 -1.96 9.45 -24.73
N VAL A 163 -2.06 10.75 -24.90
CA VAL A 163 -3.15 11.50 -24.29
C VAL A 163 -4.04 12.20 -25.31
N ASP A 164 -5.35 11.96 -25.18
CA ASP A 164 -6.36 12.66 -25.97
C ASP A 164 -6.95 13.83 -25.17
N PRO A 165 -6.74 15.05 -25.67
CA PRO A 165 -7.14 16.30 -24.99
C PRO A 165 -8.66 16.48 -24.92
N VAL A 166 -9.38 15.78 -25.80
CA VAL A 166 -10.85 15.78 -25.83
C VAL A 166 -11.45 17.11 -26.29
N SER A 167 -11.31 18.15 -25.47
CA SER A 167 -11.90 19.44 -25.80
C SER A 167 -11.03 20.60 -25.34
N ALA A 168 -11.38 21.80 -25.77
CA ALA A 168 -10.67 23.01 -25.36
C ALA A 168 -10.82 23.23 -23.87
N TRP A 169 -11.93 22.73 -23.33
CA TRP A 169 -12.24 22.93 -21.92
C TRP A 169 -11.43 21.99 -21.03
N LYS A 170 -11.20 20.77 -21.53
CA LYS A 170 -10.60 19.71 -20.72
C LYS A 170 -9.13 19.41 -21.03
N CYS A 171 -8.59 20.08 -22.05
CA CYS A 171 -7.19 19.86 -22.42
C CYS A 171 -6.25 20.52 -21.40
N VAL A 172 -6.75 21.51 -20.69
CA VAL A 172 -5.90 22.36 -19.84
C VAL A 172 -5.15 21.59 -18.75
N LYS A 173 -5.74 20.49 -18.28
CA LYS A 173 -5.14 19.70 -17.21
C LYS A 173 -3.82 19.07 -17.67
N VAL A 174 -3.55 19.19 -18.96
CA VAL A 174 -2.36 18.61 -19.57
C VAL A 174 -1.20 19.60 -19.58
N ARG A 175 -1.52 20.89 -19.43
CA ARG A 175 -0.55 21.96 -19.62
C ARG A 175 0.71 21.83 -18.75
N ASP A 176 0.52 21.52 -17.47
CA ASP A 176 1.65 21.42 -16.55
C ASP A 176 2.36 20.07 -16.59
N ARG A 177 1.98 19.20 -17.52
CA ARG A 177 2.51 17.83 -17.51
C ARG A 177 2.91 17.30 -18.88
N LEU A 178 3.17 18.21 -19.82
CA LEU A 178 3.54 17.80 -21.17
C LEU A 178 4.86 17.02 -21.19
N ASN A 179 5.65 17.13 -20.13
CA ASN A 179 6.92 16.41 -20.06
C ASN A 179 6.72 14.94 -19.67
N GLN A 180 5.52 14.61 -19.22
CA GLN A 180 5.22 13.24 -18.81
C GLN A 180 4.44 12.50 -19.89
N ILE A 181 4.22 13.16 -21.02
CA ILE A 181 3.37 12.63 -22.08
C ILE A 181 4.15 12.31 -23.34
N HIS A 182 3.96 11.09 -23.84
CA HIS A 182 4.71 10.63 -25.02
C HIS A 182 4.16 11.27 -26.28
N THR A 183 2.84 11.30 -26.39
CA THR A 183 2.17 11.83 -27.58
C THR A 183 0.87 12.54 -27.23
N LEU A 184 0.74 13.78 -27.68
CA LEU A 184 -0.50 14.54 -27.50
C LEU A 184 -1.12 14.80 -28.86
N LYS A 185 -2.44 14.65 -28.95
CA LYS A 185 -3.14 14.88 -30.21
C LYS A 185 -4.21 15.97 -30.08
N PRO A 186 -3.78 17.24 -30.08
CA PRO A 186 -4.76 18.32 -29.99
C PRO A 186 -5.24 18.80 -31.36
N ASN A 187 -6.44 19.38 -31.41
CA ASN A 187 -6.88 20.08 -32.60
C ASN A 187 -6.42 21.53 -32.50
N ARG A 188 -6.83 22.35 -33.46
CA ARG A 188 -6.43 23.76 -33.48
C ARG A 188 -6.76 24.49 -32.19
N LEU A 189 -8.03 24.45 -31.81
CA LEU A 189 -8.52 25.18 -30.65
C LEU A 189 -7.83 24.71 -29.36
N GLU A 190 -7.61 23.40 -29.26
CA GLU A 190 -6.97 22.82 -28.08
C GLU A 190 -5.52 23.28 -27.99
N ALA A 191 -4.83 23.32 -29.12
CA ALA A 191 -3.46 23.78 -29.17
C ALA A 191 -3.36 25.26 -28.80
N GLU A 192 -4.29 26.07 -29.30
CA GLU A 192 -4.32 27.48 -28.97
C GLU A 192 -4.55 27.66 -27.48
N THR A 193 -5.49 26.88 -26.95
CA THR A 193 -5.85 26.95 -25.54
C THR A 193 -4.69 26.58 -24.63
N LEU A 194 -3.94 25.55 -25.03
CA LEU A 194 -2.82 25.10 -24.22
C LEU A 194 -1.66 26.07 -24.29
N SER A 195 -1.29 26.47 -25.51
CA SER A 195 -0.08 27.25 -25.71
C SER A 195 -0.27 28.74 -25.36
N GLY A 196 -1.48 29.25 -25.56
CA GLY A 196 -1.74 30.66 -25.36
C GLY A 196 -1.26 31.43 -26.57
N ILE A 197 -1.05 30.70 -27.66
CA ILE A 197 -0.61 31.28 -28.91
C ILE A 197 -1.69 31.06 -29.96
N ALA A 198 -2.02 32.11 -30.71
CA ALA A 198 -3.07 32.03 -31.71
C ALA A 198 -2.59 31.27 -32.93
N LEU A 199 -3.45 30.39 -33.43
CA LEU A 199 -3.16 29.67 -34.66
C LEU A 199 -4.04 30.21 -35.77
N SER A 200 -3.74 31.44 -36.17
CA SER A 200 -4.46 32.13 -37.23
C SER A 200 -4.32 31.40 -38.56
N GLY A 201 -3.12 30.91 -38.83
CA GLY A 201 -2.85 30.23 -40.09
C GLY A 201 -1.71 29.23 -40.03
N ARG A 202 -1.40 28.64 -41.18
CA ARG A 202 -0.38 27.60 -41.27
C ARG A 202 1.04 28.07 -40.96
N ASP A 203 1.24 29.38 -40.89
CA ASP A 203 2.55 29.95 -40.53
C ASP A 203 2.78 29.98 -39.02
N ASP A 204 1.80 29.51 -38.25
CA ASP A 204 1.88 29.63 -36.80
C ASP A 204 2.12 28.29 -36.12
N VAL A 205 2.05 27.21 -36.88
CA VAL A 205 2.21 25.87 -36.30
C VAL A 205 3.59 25.67 -35.70
N ALA A 206 4.61 26.26 -36.33
CA ALA A 206 5.99 26.11 -35.88
C ALA A 206 6.20 26.71 -34.49
N LYS A 207 5.68 27.92 -34.28
CA LYS A 207 5.84 28.61 -33.01
C LYS A 207 5.06 27.89 -31.90
N VAL A 208 3.92 27.32 -32.27
CA VAL A 208 3.09 26.59 -31.32
C VAL A 208 3.76 25.28 -30.91
N ALA A 209 4.26 24.55 -31.91
CA ALA A 209 4.94 23.29 -31.68
C ALA A 209 6.20 23.51 -30.87
N ALA A 210 6.91 24.60 -31.18
CA ALA A 210 8.11 24.95 -30.44
C ALA A 210 7.75 25.24 -29.01
N TRP A 211 6.58 25.84 -28.79
CA TRP A 211 6.13 26.09 -27.43
C TRP A 211 5.91 24.76 -26.72
N PHE A 212 5.28 23.81 -27.42
CA PHE A 212 5.01 22.51 -26.86
C PHE A 212 6.29 21.77 -26.47
N HIS A 213 7.28 21.82 -27.37
CA HIS A 213 8.55 21.13 -27.14
C HIS A 213 9.38 21.79 -26.04
N GLN A 214 9.28 23.11 -25.91
CA GLN A 214 10.00 23.79 -24.85
C GLN A 214 9.38 23.48 -23.49
N HIS A 215 8.12 23.09 -23.49
CA HIS A 215 7.45 22.73 -22.25
C HIS A 215 7.46 21.21 -22.02
N GLY A 216 8.23 20.51 -22.85
CA GLY A 216 8.55 19.11 -22.58
C GLY A 216 7.79 18.05 -23.34
N LEU A 217 6.93 18.45 -24.27
CA LEU A 217 6.19 17.45 -25.04
C LEU A 217 7.08 16.69 -26.01
N ASN A 218 7.10 15.37 -25.86
CA ASN A 218 7.90 14.51 -26.73
C ASN A 218 7.41 14.55 -28.17
N ARG A 219 6.12 14.27 -28.37
CA ARG A 219 5.55 14.26 -29.71
C ARG A 219 4.24 15.01 -29.79
N LEU A 220 4.09 15.81 -30.85
CA LEU A 220 2.87 16.56 -31.09
C LEU A 220 2.23 16.11 -32.39
N VAL A 221 0.97 15.71 -32.31
CA VAL A 221 0.18 15.44 -33.51
C VAL A 221 -0.98 16.42 -33.57
N LEU A 222 -0.83 17.44 -34.41
CA LEU A 222 -1.74 18.57 -34.47
C LEU A 222 -2.70 18.50 -35.65
N SER A 223 -3.95 18.19 -35.38
CA SER A 223 -4.96 18.16 -36.43
C SER A 223 -5.49 19.57 -36.70
N MET A 224 -5.37 20.01 -37.95
CA MET A 224 -5.67 21.40 -38.31
C MET A 224 -6.95 21.53 -39.12
N GLY A 225 -7.66 20.42 -39.28
CA GLY A 225 -8.87 20.43 -40.07
C GLY A 225 -8.55 20.32 -41.55
N GLY A 226 -8.94 21.33 -42.31
CA GLY A 226 -8.72 21.32 -43.75
C GLY A 226 -7.26 21.54 -44.11
N ASP A 227 -6.53 22.21 -43.24
CA ASP A 227 -5.10 22.44 -43.44
C ASP A 227 -4.33 21.12 -43.38
N GLY A 228 -4.84 20.17 -42.60
CA GLY A 228 -4.25 18.84 -42.52
C GLY A 228 -3.72 18.50 -41.15
N VAL A 229 -2.73 17.61 -41.11
CA VAL A 229 -2.09 17.27 -39.83
C VAL A 229 -0.61 17.67 -39.78
N TYR A 230 -0.27 18.51 -38.81
CA TYR A 230 1.14 18.86 -38.58
C TYR A 230 1.72 18.03 -37.44
N TYR A 231 2.76 17.26 -37.72
CA TYR A 231 3.37 16.42 -36.69
C TYR A 231 4.78 16.92 -36.37
N SER A 232 5.13 16.91 -35.08
CA SER A 232 6.42 17.43 -34.64
C SER A 232 7.05 16.62 -33.51
N ASP A 233 8.30 16.22 -33.71
CA ASP A 233 9.06 15.48 -32.71
C ASP A 233 10.09 16.40 -32.04
N ILE A 234 10.14 16.37 -30.72
CA ILE A 234 11.06 17.20 -29.94
C ILE A 234 12.53 16.99 -30.35
N ARG A 235 12.81 15.88 -31.04
CA ARG A 235 14.16 15.60 -31.51
C ARG A 235 14.45 16.24 -32.87
N GLY A 236 13.45 16.92 -33.42
CA GLY A 236 13.67 17.70 -34.63
C GLY A 236 12.82 17.37 -35.84
N GLU A 237 12.34 16.14 -35.95
CA GLU A 237 11.50 15.78 -37.09
C GLU A 237 10.14 16.44 -37.02
N ASN A 238 9.75 17.08 -38.13
CA ASN A 238 8.42 17.65 -38.24
C ASN A 238 7.96 17.66 -39.69
N GLY A 239 6.65 17.77 -39.91
CA GLY A 239 6.13 17.86 -41.25
C GLY A 239 4.62 17.98 -41.34
N TRP A 240 4.14 18.21 -42.56
CA TRP A 240 2.70 18.22 -42.83
C TRP A 240 2.27 16.92 -43.48
N SER A 241 1.02 16.55 -43.25
CA SER A 241 0.36 15.48 -43.98
C SER A 241 -1.01 15.97 -44.41
N ALA A 242 -1.22 16.04 -45.72
CA ALA A 242 -2.47 16.53 -46.28
C ALA A 242 -3.55 15.48 -46.07
N PRO A 243 -4.81 15.92 -45.94
CA PRO A 243 -5.87 14.97 -45.61
C PRO A 243 -6.09 13.93 -46.69
N ILE A 244 -6.49 12.74 -46.27
CA ILE A 244 -7.06 11.77 -47.17
C ILE A 244 -8.41 12.39 -47.51
N LYS A 245 -8.70 12.61 -48.78
CA LYS A 245 -9.96 13.26 -49.10
C LYS A 245 -11.02 12.17 -49.15
N THR A 246 -12.20 12.47 -48.61
CA THR A 246 -13.14 11.45 -48.16
C THR A 246 -14.60 11.71 -48.45
N ASN A 247 -15.39 10.67 -48.28
CA ASN A 247 -16.84 10.77 -48.29
C ASN A 247 -17.44 10.87 -46.89
N VAL A 248 -17.51 12.10 -46.38
CA VAL A 248 -17.91 12.30 -45.00
C VAL A 248 -19.41 12.11 -44.84
N ILE A 249 -19.79 11.31 -43.84
CA ILE A 249 -21.19 11.15 -43.48
C ILE A 249 -21.39 11.42 -41.96
N ASN A 250 -20.49 10.96 -41.09
CA ASN A 250 -20.44 11.62 -39.77
C ASN A 250 -18.99 11.88 -39.38
N VAL A 251 -18.84 12.73 -38.38
CA VAL A 251 -17.54 13.25 -37.95
C VAL A 251 -17.13 12.73 -36.57
N THR A 252 -18.11 12.24 -35.82
CA THR A 252 -17.85 11.67 -34.51
C THR A 252 -16.95 10.44 -34.66
N GLY A 253 -16.06 10.25 -33.69
CA GLY A 253 -15.16 9.11 -33.69
C GLY A 253 -13.96 9.26 -34.61
N ALA A 254 -13.79 10.44 -35.20
CA ALA A 254 -12.66 10.68 -36.09
C ALA A 254 -11.34 10.68 -35.31
N GLY A 255 -11.24 11.60 -34.35
CA GLY A 255 -10.07 11.70 -33.50
C GLY A 255 -9.85 10.44 -32.68
N ASP A 256 -10.93 9.74 -32.38
CA ASP A 256 -10.86 8.50 -31.62
C ASP A 256 -10.12 7.44 -32.45
N ALA A 257 -10.47 7.40 -33.73
CA ALA A 257 -9.86 6.47 -34.66
C ALA A 257 -8.40 6.84 -34.91
N MET A 258 -8.13 8.13 -35.01
CA MET A 258 -6.75 8.58 -35.20
C MET A 258 -5.87 8.22 -34.01
N MET A 259 -6.38 8.44 -32.81
CA MET A 259 -5.63 8.10 -31.60
C MET A 259 -5.33 6.61 -31.55
N ALA A 260 -6.36 5.80 -31.84
CA ALA A 260 -6.16 4.36 -31.89
C ALA A 260 -5.07 4.01 -32.89
N GLY A 261 -5.09 4.68 -34.04
CA GLY A 261 -4.11 4.46 -35.08
C GLY A 261 -2.70 4.76 -34.62
N LEU A 262 -2.52 5.88 -33.93
CA LEU A 262 -1.20 6.27 -33.44
C LEU A 262 -0.67 5.27 -32.42
N ALA A 263 -1.49 4.93 -31.44
CA ALA A 263 -1.06 3.98 -30.41
C ALA A 263 -0.71 2.63 -31.01
N SER A 264 -1.59 2.13 -31.89
CA SER A 264 -1.40 0.83 -32.50
C SER A 264 -0.14 0.79 -33.35
N CYS A 265 0.03 1.79 -34.21
CA CYS A 265 1.23 1.88 -35.04
C CYS A 265 2.49 1.97 -34.20
N TRP A 266 2.41 2.69 -33.08
CA TRP A 266 3.55 2.76 -32.18
C TRP A 266 3.92 1.38 -31.66
N VAL A 267 2.91 0.64 -31.21
CA VAL A 267 3.13 -0.72 -30.71
C VAL A 267 3.70 -1.62 -31.80
N ASP A 268 3.30 -1.37 -33.05
CA ASP A 268 3.76 -2.18 -34.17
C ASP A 268 5.17 -1.81 -34.63
N GLY A 269 5.79 -0.84 -33.98
CA GLY A 269 7.15 -0.44 -34.31
C GLY A 269 7.29 0.49 -35.49
N MET A 270 6.19 1.07 -35.95
CA MET A 270 6.22 1.98 -37.09
C MET A 270 6.82 3.34 -36.74
N PRO A 271 7.49 3.97 -37.71
CA PRO A 271 8.03 5.33 -37.56
C PRO A 271 6.92 6.37 -37.38
N PHE A 272 7.31 7.58 -36.99
CA PHE A 272 6.35 8.62 -36.62
C PHE A 272 5.45 9.04 -37.79
N ALA A 273 6.07 9.50 -38.87
CA ALA A 273 5.35 10.03 -40.03
C ALA A 273 4.36 9.02 -40.62
N GLU A 274 4.86 7.81 -40.86
CA GLU A 274 4.04 6.75 -41.45
C GLU A 274 2.89 6.37 -40.54
N SER A 275 3.12 6.50 -39.24
CA SER A 275 2.09 6.23 -38.25
C SER A 275 1.03 7.32 -38.29
N VAL A 276 1.46 8.54 -38.59
CA VAL A 276 0.54 9.67 -38.67
C VAL A 276 -0.35 9.52 -39.90
N ARG A 277 0.26 9.18 -41.03
CA ARG A 277 -0.50 8.93 -42.25
C ARG A 277 -1.51 7.80 -42.06
N PHE A 278 -1.05 6.71 -41.46
CA PHE A 278 -1.92 5.58 -41.17
C PHE A 278 -3.10 6.03 -40.29
N ALA A 279 -2.79 6.85 -39.30
CA ALA A 279 -3.80 7.33 -38.37
C ALA A 279 -4.85 8.18 -39.09
N GLN A 280 -4.39 8.96 -40.06
CA GLN A 280 -5.31 9.71 -40.90
C GLN A 280 -6.21 8.77 -41.68
N GLY A 281 -5.63 7.65 -42.12
CA GLY A 281 -6.40 6.62 -42.79
C GLY A 281 -7.53 6.11 -41.91
N CYS A 282 -7.18 5.77 -40.67
CA CYS A 282 -8.17 5.35 -39.67
C CYS A 282 -9.27 6.37 -39.50
N SER A 283 -8.87 7.63 -39.33
CA SER A 283 -9.82 8.71 -39.06
C SER A 283 -10.77 8.86 -40.24
N SER A 284 -10.25 8.65 -41.44
CA SER A 284 -11.06 8.66 -42.65
C SER A 284 -12.08 7.53 -42.64
N MET A 285 -11.63 6.32 -42.36
CA MET A 285 -12.53 5.18 -42.22
C MET A 285 -13.66 5.48 -41.25
N ALA A 286 -13.33 6.16 -40.15
CA ALA A 286 -14.35 6.55 -39.18
C ALA A 286 -15.30 7.59 -39.78
N LEU A 287 -14.74 8.52 -40.56
CA LEU A 287 -15.52 9.59 -41.17
C LEU A 287 -16.53 9.07 -42.18
N SER A 288 -16.33 7.85 -42.65
CA SER A 288 -17.14 7.29 -43.73
C SER A 288 -18.15 6.26 -43.25
N CYS A 289 -18.47 6.27 -41.95
CA CYS A 289 -19.39 5.29 -41.41
C CYS A 289 -20.35 5.91 -40.39
N GLU A 290 -21.65 5.74 -40.64
CA GLU A 290 -22.72 6.15 -39.74
C GLU A 290 -22.39 5.90 -38.26
N THR A 292 -19.95 5.89 -34.90
CA THR A 292 -18.82 6.42 -34.13
C THR A 292 -17.61 5.50 -34.27
N ASN A 293 -17.87 4.21 -34.44
CA ASN A 293 -16.83 3.26 -34.81
C ASN A 293 -17.22 2.49 -36.06
N ASN A 294 -16.27 2.30 -36.97
CA ASN A 294 -16.52 1.52 -38.17
C ASN A 294 -16.09 0.08 -37.92
N PRO A 295 -17.05 -0.86 -37.99
CA PRO A 295 -16.75 -2.27 -37.73
C PRO A 295 -15.91 -2.94 -38.81
N ASP A 296 -15.62 -2.21 -39.89
CA ASP A 296 -14.68 -2.70 -40.89
C ASP A 296 -13.38 -1.91 -40.85
N LEU A 297 -13.12 -1.27 -39.71
CA LEU A 297 -11.79 -0.71 -39.47
C LEU A 297 -10.81 -1.82 -39.18
N SER A 298 -9.78 -1.92 -40.01
CA SER A 298 -8.79 -2.97 -39.87
C SER A 298 -7.53 -2.56 -40.63
N ILE A 299 -6.39 -3.13 -40.23
CA ILE A 299 -5.11 -2.84 -40.87
C ILE A 299 -5.17 -2.95 -42.40
N ALA A 300 -5.83 -4.01 -42.87
CA ALA A 300 -6.05 -4.27 -44.30
C ALA A 300 -6.64 -3.08 -45.04
N ASN A 301 -7.76 -2.61 -44.52
CA ASN A 301 -8.66 -1.63 -45.12
C ASN A 301 -8.21 -0.18 -45.01
N VAL A 302 -7.51 0.12 -43.93
CA VAL A 302 -6.76 1.36 -43.83
C VAL A 302 -5.55 1.39 -44.76
N ILE A 303 -4.78 0.31 -44.78
CA ILE A 303 -3.61 0.26 -45.67
C ILE A 303 -4.08 0.40 -47.11
N SER A 304 -5.22 -0.21 -47.42
CA SER A 304 -5.81 -0.08 -48.76
C SER A 304 -6.22 1.37 -49.02
N LEU A 305 -6.74 2.04 -48.00
CA LEU A 305 -7.11 3.44 -48.15
C LEU A 305 -5.90 4.37 -48.34
N VAL A 306 -4.76 3.98 -47.77
CA VAL A 306 -3.55 4.82 -47.82
C VAL A 306 -2.72 4.57 -49.07
N GLU A 307 -2.55 3.30 -49.44
CA GLU A 307 -1.81 2.94 -50.64
C GLU A 307 -2.55 3.46 -51.86
N ASN A 308 -3.85 3.66 -51.71
CA ASN A 308 -4.69 4.24 -52.75
C ASN A 308 -4.57 5.76 -52.69
N ALA A 309 -3.36 6.26 -52.93
CA ALA A 309 -3.10 7.69 -52.91
C ALA A 309 -2.48 8.16 -54.22
N LYS B 4 -51.96 -20.31 -9.56
CA LYS B 4 -51.59 -20.56 -10.94
C LYS B 4 -52.33 -19.63 -11.89
N ASP B 5 -52.90 -18.56 -11.33
CA ASP B 5 -53.55 -17.54 -12.13
C ASP B 5 -52.55 -16.50 -12.60
N TYR B 6 -52.53 -16.24 -13.90
CA TYR B 6 -51.64 -15.24 -14.45
C TYR B 6 -52.39 -14.21 -15.30
N VAL B 7 -51.78 -13.03 -15.42
CA VAL B 7 -52.33 -11.94 -16.20
C VAL B 7 -51.43 -11.71 -17.41
N VAL B 8 -52.03 -11.43 -18.57
CA VAL B 8 -51.25 -11.16 -19.77
C VAL B 8 -51.39 -9.71 -20.21
N ILE B 9 -50.25 -9.04 -20.37
CA ILE B 9 -50.22 -7.66 -20.83
C ILE B 9 -49.60 -7.58 -22.21
N ILE B 10 -50.33 -6.99 -23.15
CA ILE B 10 -49.86 -6.89 -24.52
C ILE B 10 -49.75 -5.43 -24.93
N GLY B 11 -48.52 -4.94 -25.04
CA GLY B 11 -48.28 -3.53 -25.30
C GLY B 11 -46.84 -3.22 -25.60
N SER B 12 -46.47 -1.95 -25.46
CA SER B 12 -45.15 -1.50 -25.86
C SER B 12 -44.19 -1.43 -24.69
N ALA B 13 -42.94 -1.80 -24.94
CA ALA B 13 -41.87 -1.65 -23.96
C ALA B 13 -40.85 -0.66 -24.48
N ASN B 14 -40.69 0.44 -23.76
CA ASN B 14 -39.81 1.51 -24.22
C ASN B 14 -38.67 1.79 -23.26
N ILE B 15 -37.72 2.59 -23.73
CA ILE B 15 -36.74 3.21 -22.84
C ILE B 15 -36.95 4.72 -22.87
N ASP B 16 -37.31 5.30 -21.73
CA ASP B 16 -37.45 6.74 -21.64
C ASP B 16 -36.11 7.35 -21.30
N VAL B 17 -35.63 8.24 -22.17
CA VAL B 17 -34.40 8.96 -21.88
C VAL B 17 -34.73 10.40 -21.62
N ALA B 18 -34.45 10.87 -20.41
CA ALA B 18 -34.78 12.24 -20.06
C ALA B 18 -33.53 13.05 -19.79
N GLY B 19 -33.33 14.12 -20.55
CA GLY B 19 -32.18 14.97 -20.33
C GLY B 19 -32.57 16.38 -19.98
N TYR B 20 -31.94 16.94 -18.96
CA TYR B 20 -32.15 18.36 -18.65
C TYR B 20 -30.86 19.05 -18.26
N SER B 21 -30.76 20.33 -18.61
CA SER B 21 -29.55 21.11 -18.38
C SER B 21 -29.54 21.80 -17.01
N HIS B 22 -28.49 22.56 -16.76
CA HIS B 22 -28.35 23.32 -15.52
C HIS B 22 -28.41 24.82 -15.82
N LEU B 25 -29.16 26.93 -20.59
CA LEU B 25 -29.38 26.29 -21.87
C LEU B 25 -29.16 27.22 -23.06
N ASN B 26 -28.12 26.90 -23.84
CA ASN B 26 -27.96 27.54 -25.14
C ASN B 26 -27.80 26.42 -26.15
N TYR B 27 -28.19 26.73 -27.37
CA TYR B 27 -28.25 25.74 -28.42
C TYR B 27 -26.92 25.66 -29.16
N ALA B 28 -26.77 24.63 -29.99
CA ALA B 28 -25.52 24.33 -30.69
C ALA B 28 -24.31 24.21 -29.75
N ASP B 29 -24.52 23.57 -28.60
CA ASP B 29 -23.48 23.33 -27.59
C ASP B 29 -23.77 22.10 -26.75
N SER B 30 -22.75 21.26 -26.58
CA SER B 30 -22.84 20.14 -25.65
C SER B 30 -22.93 20.72 -24.24
N ASN B 31 -24.16 20.92 -23.78
CA ASN B 31 -24.38 21.60 -22.52
C ASN B 31 -24.47 20.57 -21.38
N PRO B 32 -23.64 20.75 -20.34
CA PRO B 32 -23.63 19.85 -19.18
C PRO B 32 -24.97 19.80 -18.47
N GLY B 33 -25.43 18.60 -18.14
CA GLY B 33 -26.70 18.43 -17.47
C GLY B 33 -26.82 17.07 -16.84
N LYS B 34 -28.05 16.55 -16.78
CA LYS B 34 -28.27 15.22 -16.21
C LYS B 34 -29.21 14.43 -17.12
N ILE B 35 -28.81 13.20 -17.38
CA ILE B 35 -29.55 12.29 -18.25
C ILE B 35 -29.96 11.02 -17.50
N LYS B 36 -31.22 10.64 -17.62
CA LYS B 36 -31.72 9.43 -16.97
C LYS B 36 -32.32 8.44 -17.95
N PHE B 37 -31.90 7.18 -17.81
CA PHE B 37 -32.51 6.08 -18.53
C PHE B 37 -33.51 5.40 -17.61
N THR B 38 -34.78 5.41 -17.99
CA THR B 38 -35.80 4.70 -17.23
C THR B 38 -36.50 3.69 -18.12
N PRO B 39 -37.04 2.62 -17.53
CA PRO B 39 -37.89 1.73 -18.32
C PRO B 39 -39.29 2.32 -18.49
N GLY B 40 -39.84 2.23 -19.69
CA GLY B 40 -41.13 2.82 -19.98
C GLY B 40 -41.97 1.97 -20.92
N GLY B 41 -42.94 2.62 -21.56
CA GLY B 41 -43.86 1.92 -22.45
C GLY B 41 -45.11 1.53 -21.67
N VAL B 42 -46.26 1.95 -22.19
CA VAL B 42 -47.54 1.76 -21.51
C VAL B 42 -47.75 0.33 -21.03
N GLY B 43 -47.61 -0.63 -21.95
CA GLY B 43 -47.78 -2.04 -21.62
C GLY B 43 -46.83 -2.51 -20.54
N ARG B 44 -45.54 -2.26 -20.76
CA ARG B 44 -44.50 -2.68 -19.82
C ARG B 44 -44.74 -2.10 -18.43
N ASN B 45 -45.03 -0.80 -18.39
CA ASN B 45 -45.33 -0.12 -17.13
C ASN B 45 -46.52 -0.76 -16.41
N ILE B 46 -47.55 -1.11 -17.17
CA ILE B 46 -48.74 -1.73 -16.59
C ILE B 46 -48.39 -3.09 -16.00
N ALA B 47 -47.60 -3.85 -16.75
CA ALA B 47 -47.15 -5.16 -16.29
C ALA B 47 -46.37 -5.04 -14.98
N GLN B 48 -45.49 -4.05 -14.91
CA GLN B 48 -44.68 -3.85 -13.71
C GLN B 48 -45.53 -3.46 -12.52
N ASN B 49 -46.48 -2.56 -12.72
CA ASN B 49 -47.37 -2.19 -11.64
C ASN B 49 -48.23 -3.36 -11.18
N LEU B 50 -48.58 -4.25 -12.10
CA LEU B 50 -49.34 -5.44 -11.75
C LEU B 50 -48.50 -6.36 -10.89
N ALA B 51 -47.23 -6.52 -11.27
CA ALA B 51 -46.32 -7.36 -10.51
C ALA B 51 -46.11 -6.80 -9.10
N LEU B 52 -46.00 -5.48 -9.00
CA LEU B 52 -45.89 -4.82 -7.70
C LEU B 52 -47.19 -4.91 -6.91
N LEU B 53 -48.30 -5.17 -7.61
CA LEU B 53 -49.58 -5.36 -6.94
C LEU B 53 -49.79 -6.81 -6.54
N GLY B 54 -48.88 -7.68 -6.98
CA GLY B 54 -48.87 -9.05 -6.51
C GLY B 54 -49.29 -10.10 -7.51
N ASN B 55 -49.78 -9.68 -8.67
CA ASN B 55 -50.21 -10.61 -9.70
C ASN B 55 -49.02 -11.15 -10.48
N LYS B 56 -49.15 -12.36 -11.01
CA LYS B 56 -48.10 -12.92 -11.86
C LYS B 56 -48.35 -12.42 -13.28
N ALA B 57 -47.48 -11.55 -13.76
CA ALA B 57 -47.72 -10.83 -15.00
C ALA B 57 -46.78 -11.24 -16.13
N TRP B 58 -47.35 -11.57 -17.27
CA TRP B 58 -46.58 -11.88 -18.47
C TRP B 58 -46.63 -10.75 -19.48
N LEU B 59 -45.46 -10.33 -19.95
CA LEU B 59 -45.40 -9.25 -20.93
C LEU B 59 -45.20 -9.81 -22.33
N LEU B 60 -46.10 -9.45 -23.23
CA LEU B 60 -45.97 -9.79 -24.64
C LEU B 60 -45.67 -8.52 -25.41
N SER B 61 -44.38 -8.22 -25.55
CA SER B 61 -43.95 -6.98 -26.18
C SER B 61 -42.85 -7.26 -27.19
N ALA B 62 -42.28 -6.19 -27.74
CA ALA B 62 -41.21 -6.33 -28.71
C ALA B 62 -40.06 -5.39 -28.40
N VAL B 63 -38.85 -5.93 -28.40
CA VAL B 63 -37.64 -5.13 -28.21
C VAL B 63 -36.62 -5.55 -29.24
N GLY B 64 -35.68 -4.66 -29.54
CA GLY B 64 -34.74 -4.90 -30.63
C GLY B 64 -33.63 -5.88 -30.27
N SER B 65 -32.89 -6.30 -31.28
CA SER B 65 -31.77 -7.21 -31.09
C SER B 65 -30.59 -6.52 -30.41
N ASP B 66 -30.67 -5.21 -30.26
CA ASP B 66 -29.66 -4.45 -29.54
C ASP B 66 -29.56 -4.93 -28.09
N PHE B 67 -28.49 -4.53 -27.41
CA PHE B 67 -28.21 -5.02 -26.06
C PHE B 67 -29.05 -4.28 -25.01
N TYR B 68 -29.35 -3.02 -25.32
CA TYR B 68 -30.11 -2.16 -24.42
C TYR B 68 -31.55 -2.67 -24.30
N GLY B 69 -32.02 -3.30 -25.36
CA GLY B 69 -33.30 -3.99 -25.32
C GLY B 69 -33.27 -5.10 -24.28
N GLN B 70 -32.24 -5.94 -24.36
CA GLN B 70 -32.06 -7.01 -23.38
C GLN B 70 -31.99 -6.48 -21.97
N SER B 71 -31.40 -5.30 -21.77
CA SER B 71 -31.32 -4.82 -20.39
C SER B 71 -32.63 -4.15 -19.95
N LEU B 72 -33.45 -3.74 -20.91
CA LEU B 72 -34.81 -3.35 -20.60
C LEU B 72 -35.58 -4.56 -20.08
N LEU B 73 -35.53 -5.65 -20.86
CA LEU B 73 -36.14 -6.91 -20.46
C LEU B 73 -35.66 -7.40 -19.09
N THR B 74 -34.36 -7.32 -18.86
CA THR B 74 -33.76 -7.80 -17.61
C THR B 74 -34.21 -6.96 -16.42
N GLN B 75 -34.16 -5.64 -16.57
CA GLN B 75 -34.65 -4.75 -15.52
C GLN B 75 -36.12 -5.06 -15.20
N THR B 76 -36.92 -5.24 -16.25
CA THR B 76 -38.34 -5.51 -16.10
C THR B 76 -38.61 -6.85 -15.42
N ASN B 77 -37.86 -7.87 -15.81
CA ASN B 77 -37.97 -9.21 -15.24
C ASN B 77 -37.64 -9.15 -13.76
N GLN B 78 -36.61 -8.39 -13.43
CA GLN B 78 -36.21 -8.24 -12.03
C GLN B 78 -36.96 -7.14 -11.34
N SER B 79 -38.03 -6.66 -11.96
CA SER B 79 -39.07 -5.92 -11.27
C SER B 79 -40.18 -6.89 -10.83
N GLY B 80 -40.13 -8.11 -11.35
CA GLY B 80 -41.09 -9.15 -11.00
C GLY B 80 -41.87 -9.69 -12.19
N VAL B 81 -41.71 -9.03 -13.34
CA VAL B 81 -42.47 -9.38 -14.54
C VAL B 81 -41.85 -10.56 -15.30
N TYR B 82 -42.68 -11.48 -15.75
CA TYR B 82 -42.21 -12.58 -16.59
C TYR B 82 -42.10 -12.08 -18.03
N VAL B 83 -40.86 -11.88 -18.50
CA VAL B 83 -40.63 -11.28 -19.81
C VAL B 83 -40.18 -12.31 -20.85
N ASP B 84 -40.24 -13.58 -20.50
CA ASP B 84 -39.60 -14.63 -21.29
C ASP B 84 -40.36 -14.99 -22.56
N LYS B 85 -41.42 -14.25 -22.87
CA LYS B 85 -42.11 -14.41 -24.14
C LYS B 85 -42.10 -13.14 -24.97
N CYS B 86 -41.43 -12.10 -24.45
CA CYS B 86 -41.28 -10.87 -25.22
C CYS B 86 -40.48 -11.18 -26.46
N LEU B 87 -40.85 -10.56 -27.57
CA LEU B 87 -40.18 -10.86 -28.82
C LEU B 87 -38.91 -10.03 -28.95
N ILE B 88 -37.76 -10.68 -29.00
CA ILE B 88 -36.53 -10.00 -29.35
C ILE B 88 -36.44 -10.00 -30.86
N VAL B 89 -36.57 -8.82 -31.47
CA VAL B 89 -36.59 -8.73 -32.92
C VAL B 89 -35.21 -8.31 -33.46
N PRO B 90 -34.64 -9.16 -34.33
CA PRO B 90 -33.35 -8.94 -34.98
C PRO B 90 -33.35 -7.77 -35.96
N GLY B 91 -32.20 -7.13 -36.09
CA GLY B 91 -31.98 -6.14 -37.14
C GLY B 91 -32.58 -4.78 -36.86
N GLU B 92 -33.61 -4.73 -36.03
CA GLU B 92 -34.28 -3.48 -35.72
C GLU B 92 -33.97 -3.06 -34.29
N ASN B 93 -33.99 -1.76 -34.04
CA ASN B 93 -33.58 -1.23 -32.74
C ASN B 93 -34.76 -1.02 -31.80
N THR B 94 -34.48 -1.18 -30.51
CA THR B 94 -35.49 -1.06 -29.47
C THR B 94 -36.11 0.34 -29.40
N SER B 95 -37.43 0.38 -29.27
CA SER B 95 -38.16 1.64 -29.27
C SER B 95 -37.77 2.49 -28.06
N SER B 96 -38.03 3.79 -28.16
CA SER B 96 -37.64 4.71 -27.08
C SER B 96 -38.43 6.01 -27.07
N TYR B 97 -38.44 6.65 -25.91
CA TYR B 97 -39.09 7.93 -25.74
C TYR B 97 -38.07 8.94 -25.22
N LEU B 98 -37.50 9.68 -26.15
CA LEU B 98 -36.56 10.75 -25.86
C LEU B 98 -37.31 11.96 -25.35
N SER B 99 -36.76 12.65 -24.36
CA SER B 99 -37.45 13.78 -23.77
C SER B 99 -36.47 14.81 -23.20
N LEU B 100 -36.53 16.00 -23.79
CA LEU B 100 -35.74 17.15 -23.37
C LEU B 100 -36.51 18.07 -22.45
N LEU B 101 -36.08 18.10 -21.19
CA LEU B 101 -36.68 18.93 -20.17
C LEU B 101 -35.73 20.03 -19.76
N ASP B 102 -36.12 20.67 -18.65
CA ASP B 102 -35.28 21.59 -17.89
C ASP B 102 -36.09 21.69 -16.56
N ASN B 103 -35.78 22.62 -15.63
CA ASN B 103 -36.46 22.70 -14.29
C ASN B 103 -37.17 21.42 -13.79
N GLU B 106 -41.09 21.09 -16.75
CA GLU B 106 -41.58 21.60 -18.02
C GLU B 106 -40.75 21.07 -19.21
N MET B 107 -41.32 20.11 -19.94
CA MET B 107 -40.71 19.45 -21.09
C MET B 107 -40.51 20.45 -22.24
N LEU B 108 -39.31 20.54 -22.80
CA LEU B 108 -39.13 21.40 -23.98
C LEU B 108 -39.55 20.65 -25.22
N VAL B 109 -39.00 19.45 -25.39
CA VAL B 109 -39.37 18.70 -26.57
C VAL B 109 -39.35 17.20 -26.27
N ALA B 110 -39.94 16.41 -27.15
CA ALA B 110 -39.92 14.97 -27.01
C ALA B 110 -39.99 14.29 -28.35
N ILE B 111 -39.29 13.17 -28.47
CA ILE B 111 -39.32 12.36 -29.68
C ILE B 111 -39.66 10.93 -29.32
N ASN B 112 -40.56 10.31 -30.07
CA ASN B 112 -40.81 8.89 -29.84
C ASN B 112 -40.49 8.06 -31.07
N ASP B 113 -39.73 6.99 -30.86
CA ASP B 113 -39.42 6.04 -31.93
C ASP B 113 -40.03 4.72 -31.52
N MET B 114 -41.18 4.37 -32.10
CA MET B 114 -41.98 3.24 -31.64
C MET B 114 -42.51 2.35 -32.76
N ASN B 115 -41.69 2.04 -33.76
CA ASN B 115 -42.25 1.36 -34.94
C ASN B 115 -42.07 -0.17 -34.79
N ILE B 116 -41.23 -0.60 -33.85
CA ILE B 116 -41.11 -2.03 -33.58
C ILE B 116 -42.38 -2.55 -32.92
N SER B 117 -43.27 -1.64 -32.51
CA SER B 117 -44.57 -2.03 -32.01
C SER B 117 -45.34 -2.78 -33.09
N ASN B 118 -45.05 -2.46 -34.35
CA ASN B 118 -45.69 -3.13 -35.48
C ASN B 118 -45.16 -4.54 -35.68
N ALA B 119 -44.14 -4.91 -34.91
CA ALA B 119 -43.62 -6.27 -34.93
C ALA B 119 -44.40 -7.15 -33.95
N ILE B 120 -45.12 -6.52 -33.02
CA ILE B 120 -46.05 -7.26 -32.17
C ILE B 120 -47.25 -7.63 -33.02
N THR B 121 -47.08 -8.69 -33.81
CA THR B 121 -48.03 -9.03 -34.85
C THR B 121 -49.03 -10.09 -34.44
N ALA B 122 -49.99 -10.36 -35.34
CA ALA B 122 -51.00 -11.38 -35.11
C ALA B 122 -50.40 -12.77 -35.10
N GLU B 123 -49.45 -13.02 -35.99
CA GLU B 123 -48.74 -14.30 -36.03
C GLU B 123 -48.07 -14.58 -34.68
N TYR B 124 -47.39 -13.55 -34.17
CA TYR B 124 -46.70 -13.62 -32.88
C TYR B 124 -47.65 -14.05 -31.75
N LEU B 125 -48.75 -13.33 -31.59
CA LEU B 125 -49.72 -13.61 -30.55
C LEU B 125 -50.36 -14.98 -30.75
N ALA B 126 -50.53 -15.35 -32.02
CA ALA B 126 -51.09 -16.64 -32.39
C ALA B 126 -50.17 -17.77 -31.94
N GLN B 127 -48.87 -17.52 -31.93
CA GLN B 127 -47.93 -18.49 -31.40
C GLN B 127 -48.13 -18.72 -29.90
N HIS B 128 -48.90 -17.85 -29.26
CA HIS B 128 -49.17 -17.96 -27.84
C HIS B 128 -50.67 -17.90 -27.55
N ARG B 129 -51.46 -18.28 -28.55
CA ARG B 129 -52.92 -18.34 -28.43
C ARG B 129 -53.43 -18.95 -27.13
N GLU B 130 -53.02 -20.18 -26.83
CA GLU B 130 -53.61 -20.92 -25.71
C GLU B 130 -53.18 -20.31 -24.38
N PHE B 131 -51.92 -19.89 -24.30
CA PHE B 131 -51.40 -19.25 -23.10
C PHE B 131 -52.18 -17.97 -22.82
N ILE B 132 -52.43 -17.21 -23.88
CA ILE B 132 -53.19 -15.97 -23.76
C ILE B 132 -54.63 -16.27 -23.33
N GLN B 133 -55.20 -17.30 -23.93
CA GLN B 133 -56.61 -17.65 -23.69
C GLN B 133 -56.83 -18.32 -22.35
N ARG B 134 -55.75 -18.61 -21.62
CA ARG B 134 -55.89 -19.14 -20.27
C ARG B 134 -55.37 -18.20 -19.18
N ALA B 135 -55.39 -16.91 -19.47
CA ALA B 135 -55.11 -15.91 -18.45
C ALA B 135 -56.41 -15.51 -17.78
N LYS B 136 -56.33 -14.86 -16.62
CA LYS B 136 -57.53 -14.39 -15.94
C LYS B 136 -57.99 -13.06 -16.54
N VAL B 137 -57.06 -12.32 -17.13
CA VAL B 137 -57.40 -11.07 -17.79
C VAL B 137 -56.27 -10.66 -18.74
N ILE B 138 -56.65 -10.11 -19.88
CA ILE B 138 -55.69 -9.61 -20.85
C ILE B 138 -55.71 -8.09 -20.91
N VAL B 139 -54.56 -7.46 -20.71
CA VAL B 139 -54.48 -6.02 -20.84
C VAL B 139 -53.71 -5.63 -22.09
N ALA B 140 -54.35 -4.81 -22.93
CA ALA B 140 -53.75 -4.40 -24.19
C ALA B 140 -53.74 -2.89 -24.32
N ASP B 141 -52.70 -2.34 -24.93
CA ASP B 141 -52.68 -0.91 -25.21
C ASP B 141 -52.81 -0.67 -26.71
N CYS B 142 -53.13 0.56 -27.08
CA CYS B 142 -53.41 0.85 -28.48
C CYS B 142 -52.16 1.32 -29.23
N ASN B 143 -51.00 1.08 -28.64
CA ASN B 143 -49.73 1.26 -29.35
C ASN B 143 -49.55 0.20 -30.42
N ILE B 144 -50.16 -0.97 -30.19
CA ILE B 144 -50.04 -2.07 -31.14
C ILE B 144 -50.89 -1.76 -32.37
N SER B 145 -50.68 -2.50 -33.45
CA SER B 145 -51.38 -2.24 -34.70
C SER B 145 -52.85 -2.59 -34.59
N GLU B 146 -53.66 -2.02 -35.49
CA GLU B 146 -55.09 -2.27 -35.49
C GLU B 146 -55.38 -3.75 -35.74
N GLU B 147 -54.55 -4.37 -36.57
CA GLU B 147 -54.69 -5.79 -36.88
C GLU B 147 -54.42 -6.63 -35.64
N ALA B 148 -53.45 -6.21 -34.84
CA ALA B 148 -53.06 -6.98 -33.66
C ALA B 148 -54.12 -6.87 -32.57
N LEU B 149 -54.63 -5.65 -32.37
CA LEU B 149 -55.70 -5.43 -31.40
C LEU B 149 -56.94 -6.19 -31.83
N ALA B 150 -57.21 -6.19 -33.13
CA ALA B 150 -58.34 -6.91 -33.68
C ALA B 150 -58.18 -8.40 -33.42
N TRP B 151 -56.95 -8.91 -33.53
CA TRP B 151 -56.72 -10.32 -33.29
C TRP B 151 -56.96 -10.66 -31.83
N ILE B 152 -56.48 -9.79 -30.94
CA ILE B 152 -56.65 -10.01 -29.52
C ILE B 152 -58.12 -10.06 -29.16
N LEU B 153 -58.87 -9.07 -29.63
CA LEU B 153 -60.29 -8.99 -29.32
C LEU B 153 -61.08 -10.13 -29.97
N ASP B 154 -60.57 -10.62 -31.10
CA ASP B 154 -61.24 -11.72 -31.82
C ASP B 154 -60.92 -13.08 -31.22
N ASN B 155 -59.84 -13.17 -30.46
CA ASN B 155 -59.40 -14.47 -29.94
C ASN B 155 -59.19 -14.49 -28.43
N ALA B 156 -60.02 -13.78 -27.70
CA ALA B 156 -59.84 -13.67 -26.26
C ALA B 156 -60.58 -14.79 -25.53
N ALA B 157 -61.46 -15.50 -26.24
CA ALA B 157 -62.15 -16.66 -25.70
C ALA B 157 -62.81 -16.36 -24.35
N ASN B 158 -63.57 -15.27 -24.32
CA ASN B 158 -64.29 -14.82 -23.13
C ASN B 158 -63.38 -14.47 -21.96
N VAL B 159 -62.10 -14.23 -22.24
CA VAL B 159 -61.22 -13.63 -21.25
C VAL B 159 -61.33 -12.12 -21.36
N PRO B 160 -61.67 -11.44 -20.25
CA PRO B 160 -61.87 -9.99 -20.23
C PRO B 160 -60.67 -9.23 -20.76
N VAL B 161 -60.90 -8.38 -21.77
CA VAL B 161 -59.85 -7.53 -22.29
C VAL B 161 -59.98 -6.12 -21.78
N PHE B 162 -58.96 -5.67 -21.05
CA PHE B 162 -58.86 -4.30 -20.58
C PHE B 162 -57.99 -3.52 -21.56
N VAL B 163 -58.49 -2.40 -22.06
CA VAL B 163 -57.77 -1.67 -23.09
C VAL B 163 -57.38 -0.25 -22.67
N ASP B 164 -56.10 0.06 -22.83
CA ASP B 164 -55.59 1.41 -22.61
C ASP B 164 -55.47 2.14 -23.95
N PRO B 165 -56.26 3.22 -24.12
CA PRO B 165 -56.36 3.99 -25.37
C PRO B 165 -55.08 4.75 -25.72
N VAL B 166 -54.25 5.00 -24.71
CA VAL B 166 -52.94 5.66 -24.88
C VAL B 166 -53.05 7.14 -25.24
N SER B 167 -53.53 7.44 -26.44
CA SER B 167 -53.61 8.83 -26.89
C SER B 167 -54.84 9.10 -27.74
N ALA B 168 -55.08 10.38 -28.02
CA ALA B 168 -56.19 10.79 -28.87
C ALA B 168 -55.97 10.25 -30.26
N TRP B 169 -54.69 10.08 -30.62
CA TRP B 169 -54.30 9.61 -31.93
C TRP B 169 -54.49 8.11 -32.10
N LYS B 170 -54.26 7.36 -31.02
CA LYS B 170 -54.22 5.91 -31.13
C LYS B 170 -55.46 5.22 -30.55
N CYS B 171 -56.35 6.00 -29.97
CA CYS B 171 -57.57 5.43 -29.39
C CYS B 171 -58.56 5.02 -30.48
N VAL B 172 -58.44 5.63 -31.66
CA VAL B 172 -59.46 5.49 -32.70
C VAL B 172 -59.67 4.05 -33.16
N LYS B 173 -58.62 3.24 -33.09
CA LYS B 173 -58.68 1.85 -33.54
C LYS B 173 -59.63 1.03 -32.68
N VAL B 174 -60.10 1.65 -31.59
CA VAL B 174 -60.98 1.01 -30.64
C VAL B 174 -62.46 1.27 -30.96
N ARG B 175 -62.72 2.31 -31.75
CA ARG B 175 -64.09 2.80 -31.95
C ARG B 175 -65.06 1.73 -32.46
N ASP B 176 -64.63 0.95 -33.44
CA ASP B 176 -65.48 -0.09 -34.02
C ASP B 176 -65.49 -1.40 -33.24
N ARG B 177 -64.89 -1.43 -32.06
CA ARG B 177 -64.71 -2.71 -31.38
C ARG B 177 -65.05 -2.63 -29.90
N LEU B 178 -65.80 -1.60 -29.51
CA LEU B 178 -66.16 -1.40 -28.11
C LEU B 178 -66.99 -2.55 -27.53
N ASN B 179 -67.61 -3.33 -28.41
CA ASN B 179 -68.43 -4.45 -27.96
C ASN B 179 -67.57 -5.67 -27.60
N GLN B 180 -66.29 -5.61 -27.95
CA GLN B 180 -65.37 -6.70 -27.66
C GLN B 180 -64.48 -6.39 -26.46
N ILE B 181 -64.71 -5.24 -25.83
CA ILE B 181 -63.84 -4.74 -24.77
C ILE B 181 -64.54 -4.72 -23.41
N HIS B 182 -63.90 -5.30 -22.41
CA HIS B 182 -64.51 -5.39 -21.08
C HIS B 182 -64.45 -4.05 -20.37
N THR B 183 -63.30 -3.39 -20.43
CA THR B 183 -63.10 -2.12 -19.76
C THR B 183 -62.18 -1.20 -20.56
N LEU B 184 -62.65 0.01 -20.82
CA LEU B 184 -61.85 1.02 -21.51
C LEU B 184 -61.59 2.17 -20.57
N LYS B 185 -60.36 2.68 -20.57
CA LYS B 185 -59.98 3.79 -19.70
C LYS B 185 -59.49 5.00 -20.49
N PRO B 186 -60.43 5.77 -21.07
CA PRO B 186 -60.00 6.96 -21.81
C PRO B 186 -59.94 8.19 -20.93
N ASN B 187 -59.14 9.17 -21.32
CA ASN B 187 -59.19 10.48 -20.69
C ASN B 187 -60.23 11.32 -21.42
N ARG B 188 -60.34 12.60 -21.06
CA ARG B 188 -61.32 13.49 -21.67
C ARG B 188 -61.19 13.54 -23.19
N LEU B 189 -59.98 13.87 -23.64
CA LEU B 189 -59.71 14.07 -25.06
C LEU B 189 -59.97 12.80 -25.86
N GLU B 190 -59.58 11.65 -25.29
CA GLU B 190 -59.74 10.37 -25.96
C GLU B 190 -61.22 10.02 -26.09
N ALA B 191 -61.99 10.29 -25.04
CA ALA B 191 -63.43 10.05 -25.06
C ALA B 191 -64.11 10.93 -26.10
N GLU B 192 -63.69 12.19 -26.17
CA GLU B 192 -64.23 13.11 -27.17
C GLU B 192 -63.92 12.63 -28.58
N THR B 193 -62.68 12.19 -28.77
CA THR B 193 -62.21 11.71 -30.06
C THR B 193 -62.99 10.48 -30.50
N LEU B 194 -63.26 9.58 -29.57
CA LEU B 194 -63.98 8.34 -29.88
C LEU B 194 -65.46 8.61 -30.17
N SER B 195 -66.10 9.36 -29.28
CA SER B 195 -67.56 9.53 -29.36
C SER B 195 -67.97 10.55 -30.42
N GLY B 196 -67.13 11.55 -30.64
CA GLY B 196 -67.47 12.63 -31.55
C GLY B 196 -68.38 13.61 -30.84
N ILE B 197 -68.39 13.50 -29.51
CA ILE B 197 -69.19 14.38 -28.67
C ILE B 197 -68.26 15.22 -27.80
N ALA B 198 -68.52 16.52 -27.73
CA ALA B 198 -67.67 17.41 -26.98
C ALA B 198 -67.94 17.26 -25.49
N LEU B 199 -66.87 17.21 -24.71
CA LEU B 199 -67.02 17.18 -23.27
C LEU B 199 -66.57 18.52 -22.70
N SER B 200 -67.40 19.53 -22.91
CA SER B 200 -67.16 20.87 -22.41
C SER B 200 -67.11 20.89 -20.88
N GLY B 201 -67.99 20.11 -20.25
CA GLY B 201 -68.07 20.09 -18.80
C GLY B 201 -68.64 18.80 -18.23
N ARG B 202 -68.80 18.78 -16.91
CA ARG B 202 -69.28 17.61 -16.19
C ARG B 202 -70.72 17.23 -16.54
N ASP B 203 -71.42 18.10 -17.27
CA ASP B 203 -72.79 17.79 -17.72
C ASP B 203 -72.84 16.90 -18.94
N ASP B 204 -71.68 16.55 -19.49
CA ASP B 204 -71.66 15.84 -20.75
C ASP B 204 -71.21 14.39 -20.62
N VAL B 205 -70.74 14.01 -19.43
CA VAL B 205 -70.23 12.66 -19.21
C VAL B 205 -71.32 11.61 -19.42
N ALA B 206 -72.56 11.92 -19.04
CA ALA B 206 -73.67 10.99 -19.15
C ALA B 206 -73.96 10.64 -20.60
N LYS B 207 -73.98 11.68 -21.43
CA LYS B 207 -74.26 11.57 -22.87
C LYS B 207 -73.13 10.84 -23.61
N VAL B 208 -71.91 11.07 -23.17
CA VAL B 208 -70.73 10.43 -23.76
C VAL B 208 -70.74 8.95 -23.39
N ALA B 209 -71.01 8.67 -22.12
CA ALA B 209 -71.06 7.31 -21.61
C ALA B 209 -72.19 6.54 -22.28
N ALA B 210 -73.31 7.21 -22.48
CA ALA B 210 -74.45 6.60 -23.14
C ALA B 210 -74.08 6.26 -24.56
N TRP B 211 -73.26 7.12 -25.18
CA TRP B 211 -72.79 6.83 -26.52
C TRP B 211 -71.92 5.57 -26.51
N PHE B 212 -71.05 5.48 -25.51
CA PHE B 212 -70.16 4.33 -25.38
C PHE B 212 -70.93 3.03 -25.19
N HIS B 213 -71.93 3.08 -24.32
CA HIS B 213 -72.74 1.91 -24.01
C HIS B 213 -73.63 1.47 -25.15
N GLN B 214 -74.12 2.43 -25.95
CA GLN B 214 -74.94 2.07 -27.10
C GLN B 214 -74.08 1.44 -28.19
N HIS B 215 -72.77 1.71 -28.14
CA HIS B 215 -71.86 1.12 -29.11
C HIS B 215 -71.18 -0.13 -28.55
N GLY B 216 -71.66 -0.61 -27.41
CA GLY B 216 -71.30 -1.93 -26.92
C GLY B 216 -70.25 -2.03 -25.84
N LEU B 217 -69.76 -0.90 -25.33
CA LEU B 217 -68.75 -0.94 -24.28
C LEU B 217 -69.35 -1.42 -22.96
N ASN B 218 -68.78 -2.49 -22.42
CA ASN B 218 -69.24 -3.04 -21.15
C ASN B 218 -69.00 -2.06 -20.01
N ARG B 219 -67.76 -1.61 -19.86
CA ARG B 219 -67.41 -0.70 -18.79
C ARG B 219 -66.57 0.48 -19.26
N LEU B 220 -66.91 1.67 -18.76
CA LEU B 220 -66.18 2.89 -19.08
C LEU B 220 -65.58 3.47 -17.80
N VAL B 221 -64.26 3.66 -17.82
CA VAL B 221 -63.57 4.38 -16.75
C VAL B 221 -62.98 5.65 -17.32
N LEU B 222 -63.66 6.77 -17.07
CA LEU B 222 -63.34 8.04 -17.70
C LEU B 222 -62.59 8.97 -16.77
N SER B 223 -61.30 9.15 -16.99
CA SER B 223 -60.51 10.08 -16.19
C SER B 223 -60.67 11.50 -16.71
N MET B 224 -61.13 12.39 -15.84
CA MET B 224 -61.51 13.74 -16.25
C MET B 224 -60.54 14.80 -15.76
N GLY B 225 -59.45 14.36 -15.15
CA GLY B 225 -58.47 15.28 -14.60
C GLY B 225 -58.93 15.80 -13.25
N GLY B 226 -59.13 17.11 -13.16
CA GLY B 226 -59.51 17.75 -11.91
C GLY B 226 -60.95 17.44 -11.55
N ASP B 227 -61.76 17.16 -12.58
CA ASP B 227 -63.15 16.80 -12.36
C ASP B 227 -63.26 15.45 -11.66
N GLY B 228 -62.27 14.59 -11.88
CA GLY B 228 -62.20 13.31 -11.20
C GLY B 228 -62.33 12.13 -12.14
N VAL B 229 -62.84 11.02 -11.64
CA VAL B 229 -63.10 9.85 -12.48
C VAL B 229 -64.59 9.52 -12.54
N TYR B 230 -65.16 9.52 -13.74
CA TYR B 230 -66.53 9.08 -13.94
C TYR B 230 -66.56 7.64 -14.46
N TYR B 231 -67.18 6.75 -13.71
CA TYR B 231 -67.26 5.34 -14.11
C TYR B 231 -68.69 4.95 -14.46
N SER B 232 -68.84 4.16 -15.53
CA SER B 232 -70.17 3.77 -16.01
C SER B 232 -70.22 2.33 -16.50
N ASP B 233 -71.19 1.57 -15.99
CA ASP B 233 -71.42 0.18 -16.39
C ASP B 233 -72.64 0.08 -17.31
N ILE B 234 -72.49 -0.64 -18.42
CA ILE B 234 -73.58 -0.82 -19.38
C ILE B 234 -74.83 -1.44 -18.73
N ARG B 235 -74.67 -2.03 -17.55
CA ARG B 235 -75.81 -2.57 -16.81
C ARG B 235 -76.52 -1.52 -15.95
N GLY B 236 -76.01 -0.29 -15.95
CA GLY B 236 -76.71 0.79 -15.29
C GLY B 236 -76.00 1.53 -14.17
N GLU B 237 -75.06 0.87 -13.50
CA GLU B 237 -74.31 1.53 -12.44
C GLU B 237 -73.38 2.59 -12.99
N ASN B 238 -73.44 3.78 -12.40
CA ASN B 238 -72.50 4.84 -12.75
C ASN B 238 -72.27 5.77 -11.57
N GLY B 239 -71.18 6.52 -11.61
CA GLY B 239 -70.91 7.49 -10.57
C GLY B 239 -69.62 8.27 -10.73
N TRP B 240 -69.44 9.25 -9.86
CA TRP B 240 -68.21 10.02 -9.80
C TRP B 240 -67.34 9.57 -8.64
N SER B 241 -66.03 9.71 -8.81
CA SER B 241 -65.10 9.58 -7.71
C SER B 241 -64.14 10.76 -7.80
N ALA B 242 -64.16 11.60 -6.77
CA ALA B 242 -63.34 12.80 -6.73
C ALA B 242 -61.90 12.41 -6.51
N PRO B 243 -60.97 13.23 -7.02
CA PRO B 243 -59.57 12.81 -6.94
C PRO B 243 -59.08 12.70 -5.51
N ILE B 244 -58.17 11.75 -5.31
CA ILE B 244 -57.37 11.73 -4.10
C ILE B 244 -56.44 12.92 -4.28
N LYS B 245 -56.43 13.84 -3.34
CA LYS B 245 -55.64 15.04 -3.55
C LYS B 245 -54.22 14.71 -3.12
N THR B 246 -53.24 15.17 -3.89
CA THR B 246 -51.89 14.60 -3.87
C THR B 246 -50.76 15.60 -3.96
N ASN B 247 -49.58 15.09 -3.69
CA ASN B 247 -48.33 15.79 -3.91
C ASN B 247 -47.68 15.35 -5.23
N VAL B 248 -48.06 16.02 -6.31
CA VAL B 248 -47.62 15.60 -7.65
C VAL B 248 -46.18 16.03 -7.90
N ILE B 249 -45.37 15.09 -8.38
CA ILE B 249 -43.99 15.38 -8.78
C ILE B 249 -43.71 14.83 -10.18
N ASN B 250 -44.30 13.68 -10.48
CA ASN B 250 -44.37 13.23 -11.85
C ASN B 250 -45.81 12.92 -12.23
N VAL B 251 -46.09 12.95 -13.52
CA VAL B 251 -47.44 12.70 -14.00
C VAL B 251 -47.42 11.46 -14.86
N THR B 252 -46.23 11.13 -15.37
CA THR B 252 -46.03 9.93 -16.15
C THR B 252 -46.28 8.71 -15.29
N GLY B 253 -46.86 7.68 -15.89
CA GLY B 253 -47.15 6.44 -15.18
C GLY B 253 -48.41 6.50 -14.33
N ALA B 254 -49.16 7.58 -14.43
CA ALA B 254 -50.41 7.72 -13.70
C ALA B 254 -51.46 6.74 -14.22
N GLY B 255 -51.80 6.90 -15.49
CA GLY B 255 -52.78 6.03 -16.15
C GLY B 255 -52.34 4.58 -16.19
N ASP B 256 -51.04 4.34 -16.24
CA ASP B 256 -50.52 2.98 -16.26
C ASP B 256 -50.81 2.29 -14.92
N ALA B 257 -50.61 3.05 -13.85
CA ALA B 257 -50.86 2.56 -12.51
C ALA B 257 -52.35 2.34 -12.31
N MET B 258 -53.16 3.25 -12.84
CA MET B 258 -54.61 3.11 -12.73
C MET B 258 -55.10 1.86 -13.46
N MET B 259 -54.59 1.63 -14.67
CA MET B 259 -54.96 0.45 -15.45
C MET B 259 -54.58 -0.82 -14.71
N ALA B 260 -53.37 -0.84 -14.17
CA ALA B 260 -52.94 -1.99 -13.39
C ALA B 260 -53.87 -2.22 -12.21
N GLY B 261 -54.28 -1.12 -11.58
CA GLY B 261 -55.20 -1.20 -10.45
C GLY B 261 -56.54 -1.81 -10.83
N LEU B 262 -57.09 -1.38 -11.96
CA LEU B 262 -58.37 -1.91 -12.43
C LEU B 262 -58.28 -3.39 -12.74
N ALA B 263 -57.27 -3.79 -13.51
CA ALA B 263 -57.13 -5.19 -13.87
C ALA B 263 -56.93 -6.08 -12.65
N SER B 264 -56.04 -5.63 -11.75
CA SER B 264 -55.72 -6.39 -10.55
C SER B 264 -56.94 -6.55 -9.66
N CYS B 265 -57.63 -5.43 -9.39
CA CYS B 265 -58.85 -5.48 -8.60
C CYS B 265 -59.90 -6.39 -9.21
N TRP B 266 -60.01 -6.37 -10.55
CA TRP B 266 -60.95 -7.26 -11.21
C TRP B 266 -60.60 -8.72 -10.91
N VAL B 267 -59.32 -9.04 -11.04
CA VAL B 267 -58.85 -10.40 -10.76
C VAL B 267 -59.13 -10.78 -9.31
N ASP B 268 -59.06 -9.80 -8.42
CA ASP B 268 -59.26 -10.04 -6.99
C ASP B 268 -60.74 -10.17 -6.60
N GLY B 269 -61.64 -10.02 -7.57
CA GLY B 269 -63.06 -10.17 -7.31
C GLY B 269 -63.73 -8.95 -6.70
N MET B 270 -63.04 -7.82 -6.74
CA MET B 270 -63.56 -6.58 -6.18
C MET B 270 -64.66 -5.98 -7.06
N PRO B 271 -65.65 -5.31 -6.44
CA PRO B 271 -66.70 -4.61 -7.20
C PRO B 271 -66.14 -3.43 -8.00
N PHE B 272 -66.96 -2.89 -8.90
CA PHE B 272 -66.53 -1.88 -9.85
C PHE B 272 -66.06 -0.58 -9.18
N ALA B 273 -66.95 0.04 -8.40
CA ALA B 273 -66.68 1.33 -7.78
C ALA B 273 -65.42 1.31 -6.90
N GLU B 274 -65.34 0.33 -6.01
CA GLU B 274 -64.21 0.22 -5.11
C GLU B 274 -62.91 -0.08 -5.89
N SER B 275 -63.05 -0.73 -7.03
CA SER B 275 -61.91 -1.01 -7.89
C SER B 275 -61.43 0.29 -8.51
N VAL B 276 -62.39 1.19 -8.79
CA VAL B 276 -62.06 2.47 -9.39
C VAL B 276 -61.34 3.34 -8.37
N ARG B 277 -61.86 3.38 -7.14
CA ARG B 277 -61.23 4.13 -6.06
C ARG B 277 -59.81 3.62 -5.81
N PHE B 278 -59.66 2.30 -5.72
CA PHE B 278 -58.35 1.68 -5.54
C PHE B 278 -57.41 2.08 -6.67
N ALA B 279 -57.92 2.07 -7.90
CA ALA B 279 -57.12 2.40 -9.07
C ALA B 279 -56.63 3.84 -9.00
N GLN B 280 -57.50 4.72 -8.48
CA GLN B 280 -57.11 6.10 -8.24
C GLN B 280 -56.00 6.16 -7.19
N GLY B 281 -56.08 5.29 -6.19
CA GLY B 281 -55.02 5.19 -5.20
C GLY B 281 -53.69 4.87 -5.84
N CYS B 282 -53.70 3.86 -6.69
CA CYS B 282 -52.52 3.48 -7.47
C CYS B 282 -51.98 4.67 -8.26
N SER B 283 -52.88 5.38 -8.94
CA SER B 283 -52.48 6.48 -9.80
C SER B 283 -51.83 7.60 -8.99
N SER B 284 -52.34 7.83 -7.78
CA SER B 284 -51.76 8.81 -6.88
C SER B 284 -50.35 8.39 -6.45
N MET B 285 -50.22 7.15 -5.99
CA MET B 285 -48.92 6.60 -5.64
C MET B 285 -47.91 6.78 -6.77
N ALA B 286 -48.36 6.59 -8.01
CA ALA B 286 -47.51 6.80 -9.16
C ALA B 286 -47.17 8.28 -9.30
N LEU B 287 -48.16 9.14 -9.06
CA LEU B 287 -48.00 10.59 -9.20
C LEU B 287 -47.02 11.17 -8.18
N SER B 288 -46.78 10.43 -7.10
CA SER B 288 -45.96 10.93 -6.01
C SER B 288 -44.57 10.30 -5.97
N CYS B 289 -44.11 9.82 -7.11
CA CYS B 289 -42.81 9.15 -7.16
C CYS B 289 -41.96 9.57 -8.35
N GLU B 290 -40.76 10.04 -8.02
CA GLU B 290 -39.71 10.40 -8.99
C GLU B 290 -39.63 9.57 -10.29
N TYR B 291 -39.94 8.27 -10.22
CA TYR B 291 -39.87 7.35 -11.38
C TYR B 291 -41.22 7.13 -12.08
N THR B 292 -41.18 6.46 -13.23
CA THR B 292 -42.39 6.18 -14.02
C THR B 292 -43.25 5.12 -13.33
N ASN B 293 -42.59 4.23 -12.59
CA ASN B 293 -43.28 3.29 -11.73
C ASN B 293 -42.77 3.42 -10.30
N ASN B 294 -43.68 3.37 -9.33
CA ASN B 294 -43.27 3.44 -7.92
C ASN B 294 -43.06 2.03 -7.37
N PRO B 295 -41.81 1.73 -6.97
CA PRO B 295 -41.46 0.41 -6.44
C PRO B 295 -42.04 0.13 -5.05
N ASP B 296 -42.69 1.12 -4.46
CA ASP B 296 -43.44 0.91 -3.22
C ASP B 296 -44.92 0.93 -3.50
N LEU B 297 -45.29 0.72 -4.75
CA LEU B 297 -46.68 0.44 -5.09
C LEU B 297 -46.98 -0.98 -4.63
N SER B 298 -47.94 -1.11 -3.72
CA SER B 298 -48.31 -2.41 -3.18
C SER B 298 -49.70 -2.28 -2.63
N ILE B 299 -50.42 -3.39 -2.56
CA ILE B 299 -51.79 -3.42 -2.05
C ILE B 299 -51.89 -2.66 -0.73
N ALA B 300 -50.91 -2.92 0.14
CA ALA B 300 -50.83 -2.30 1.45
C ALA B 300 -50.92 -0.77 1.45
N ASN B 301 -49.99 -0.09 0.78
CA ASN B 301 -49.94 1.36 0.92
C ASN B 301 -50.90 2.15 0.00
N VAL B 302 -51.39 1.56 -1.09
CA VAL B 302 -52.52 2.18 -1.78
C VAL B 302 -53.74 2.07 -0.87
N ILE B 303 -53.95 0.90 -0.28
CA ILE B 303 -55.09 0.74 0.63
C ILE B 303 -54.97 1.76 1.76
N SER B 304 -53.75 1.96 2.27
CA SER B 304 -53.51 2.93 3.32
C SER B 304 -53.80 4.35 2.83
N LEU B 305 -53.50 4.61 1.56
CA LEU B 305 -53.80 5.91 0.97
C LEU B 305 -55.30 6.13 0.82
N VAL B 306 -56.04 5.04 0.69
CA VAL B 306 -57.49 5.12 0.48
C VAL B 306 -58.27 5.23 1.79
N GLU B 307 -57.91 4.43 2.78
CA GLU B 307 -58.56 4.54 4.09
C GLU B 307 -58.24 5.89 4.72
N ASN B 308 -57.11 6.47 4.32
CA ASN B 308 -56.71 7.78 4.79
C ASN B 308 -57.43 8.86 3.97
N ALA B 309 -58.76 8.83 4.07
CA ALA B 309 -59.61 9.80 3.37
C ALA B 309 -60.53 10.51 4.35
N LYS C 4 -5.28 -3.40 27.72
CA LYS C 4 -4.92 -3.47 26.31
C LYS C 4 -4.26 -2.15 25.85
N ASP C 5 -3.85 -1.34 26.80
CA ASP C 5 -3.21 -0.09 26.50
C ASP C 5 -1.69 -0.26 26.34
N TYR C 6 -1.13 0.15 25.20
CA TYR C 6 0.32 0.04 25.02
C TYR C 6 0.96 1.34 24.56
N VAL C 7 2.26 1.45 24.85
CA VAL C 7 3.06 2.60 24.45
C VAL C 7 4.08 2.14 23.43
N VAL C 8 4.33 2.95 22.41
CA VAL C 8 5.32 2.61 21.40
C VAL C 8 6.53 3.53 21.45
N ILE C 9 7.71 2.93 21.56
CA ILE C 9 8.96 3.68 21.58
C ILE C 9 9.78 3.42 20.33
N ILE C 10 10.12 4.48 19.62
CA ILE C 10 10.87 4.36 18.38
C ILE C 10 12.20 5.09 18.50
N GLY C 11 13.28 4.32 18.60
CA GLY C 11 14.58 4.91 18.84
C GLY C 11 15.72 3.91 18.71
N SER C 12 16.86 4.25 19.30
CA SER C 12 18.07 3.44 19.11
C SER C 12 18.28 2.48 20.26
N ALA C 13 18.76 1.28 19.93
CA ALA C 13 19.15 0.29 20.93
C ALA C 13 20.64 0.03 20.82
N ASN C 14 21.38 0.33 21.88
CA ASN C 14 22.83 0.23 21.86
C ASN C 14 23.37 -0.74 22.89
N ILE C 15 24.65 -1.05 22.77
CA ILE C 15 25.38 -1.67 23.87
C ILE C 15 26.46 -0.69 24.34
N ASP C 16 26.36 -0.23 25.57
CA ASP C 16 27.40 0.62 26.12
C ASP C 16 28.47 -0.24 26.74
N VAL C 17 29.69 -0.12 26.24
CA VAL C 17 30.80 -0.84 26.83
C VAL C 17 31.74 0.15 27.49
N ALA C 18 31.91 0.03 28.80
CA ALA C 18 32.74 0.96 29.55
C ALA C 18 33.95 0.27 30.15
N GLY C 19 35.14 0.76 29.79
CA GLY C 19 36.36 0.19 30.34
C GLY C 19 37.19 1.18 31.13
N TYR C 20 37.67 0.78 32.29
CA TYR C 20 38.61 1.63 33.04
C TYR C 20 39.75 0.84 33.68
N SER C 21 40.91 1.49 33.78
CA SER C 21 42.12 0.85 34.30
C SER C 21 42.24 0.93 35.82
N HIS C 22 43.33 0.39 36.34
CA HIS C 22 43.60 0.43 37.77
C HIS C 22 45.08 0.70 38.04
N LEU C 25 48.17 3.63 33.95
CA LEU C 25 47.18 3.70 32.88
C LEU C 25 47.78 4.27 31.62
N ASN C 26 48.87 3.76 31.08
CA ASN C 26 49.32 4.40 29.84
C ASN C 26 49.66 3.50 28.65
N TYR C 27 49.99 4.17 27.53
CA TYR C 27 49.52 3.74 26.21
C TYR C 27 50.30 2.73 25.37
N ALA C 28 49.61 2.29 24.33
CA ALA C 28 50.05 1.23 23.44
C ALA C 28 50.43 0.02 24.28
N ASP C 29 49.61 -0.24 25.31
CA ASP C 29 49.87 -1.33 26.26
C ASP C 29 48.52 -1.89 26.71
N SER C 30 48.36 -3.21 26.71
CA SER C 30 47.20 -3.85 27.31
C SER C 30 47.17 -3.73 28.83
N ASN C 31 46.50 -2.70 29.34
CA ASN C 31 46.49 -2.47 30.79
C ASN C 31 45.28 -3.14 31.45
N PRO C 32 45.54 -3.99 32.47
CA PRO C 32 44.47 -4.68 33.19
C PRO C 32 43.52 -3.71 33.89
N GLY C 33 42.22 -3.98 33.78
CA GLY C 33 41.21 -3.12 34.37
C GLY C 33 39.87 -3.82 34.46
N LYS C 34 38.78 -3.06 34.35
CA LYS C 34 37.45 -3.65 34.40
C LYS C 34 36.58 -3.08 33.28
N ILE C 35 35.89 -4.00 32.61
CA ILE C 35 35.03 -3.70 31.47
C ILE C 35 33.59 -4.13 31.75
N LYS C 36 32.64 -3.25 31.50
CA LYS C 36 31.24 -3.60 31.71
C LYS C 36 30.40 -3.41 30.45
N PHE C 37 29.60 -4.44 30.14
CA PHE C 37 28.62 -4.38 29.07
C PHE C 37 27.24 -4.04 29.63
N THR C 38 26.68 -2.91 29.21
CA THR C 38 25.33 -2.55 29.60
C THR C 38 24.43 -2.37 28.39
N PRO C 39 23.12 -2.56 28.57
CA PRO C 39 22.20 -2.20 27.50
C PRO C 39 21.96 -0.69 27.49
N GLY C 40 21.96 -0.08 26.31
CA GLY C 40 21.81 1.35 26.19
C GLY C 40 21.00 1.77 24.99
N GLY C 41 21.18 3.01 24.56
CA GLY C 41 20.41 3.55 23.46
C GLY C 41 19.18 4.28 24.00
N VAL C 42 19.05 5.55 23.62
CA VAL C 42 18.00 6.42 24.14
C VAL C 42 16.61 5.79 24.09
N GLY C 43 16.21 5.31 22.92
CA GLY C 43 14.91 4.69 22.74
C GLY C 43 14.72 3.48 23.63
N ARG C 44 15.67 2.55 23.56
CA ARG C 44 15.62 1.31 24.33
C ARG C 44 15.55 1.60 25.83
N ASN C 45 16.39 2.53 26.29
CA ASN C 45 16.40 2.94 27.69
C ASN C 45 15.05 3.50 28.13
N ILE C 46 14.44 4.31 27.27
CA ILE C 46 13.15 4.90 27.58
C ILE C 46 12.10 3.81 27.69
N ALA C 47 12.14 2.87 26.75
CA ALA C 47 11.22 1.74 26.76
C ALA C 47 11.34 0.95 28.07
N GLN C 48 12.57 0.73 28.50
CA GLN C 48 12.81 -0.04 29.72
C GLN C 48 12.28 0.70 30.96
N ASN C 49 12.54 2.01 31.03
CA ASN C 49 12.01 2.78 32.15
C ASN C 49 10.48 2.82 32.16
N LEU C 50 9.89 2.80 30.97
CA LEU C 50 8.43 2.77 30.87
C LEU C 50 7.90 1.45 31.40
N ALA C 51 8.59 0.37 31.02
CA ALA C 51 8.20 -0.96 31.48
C ALA C 51 8.32 -1.06 33.00
N LEU C 52 9.38 -0.49 33.54
CA LEU C 52 9.56 -0.46 35.00
C LEU C 52 8.55 0.47 35.67
N LEU C 53 7.95 1.36 34.91
CA LEU C 53 6.89 2.22 35.45
C LEU C 53 5.51 1.56 35.33
N GLY C 54 5.45 0.44 34.63
CA GLY C 54 4.23 -0.36 34.61
C GLY C 54 3.49 -0.36 33.29
N ASN C 55 3.91 0.47 32.35
CA ASN C 55 3.25 0.54 31.05
C ASN C 55 3.71 -0.62 30.17
N LYS C 56 2.86 -1.08 29.26
CA LYS C 56 3.23 -2.13 28.33
C LYS C 56 3.93 -1.46 27.15
N ALA C 57 5.24 -1.67 27.03
CA ALA C 57 6.02 -0.89 26.08
C ALA C 57 6.56 -1.75 24.94
N TRP C 58 6.31 -1.29 23.72
CA TRP C 58 6.84 -1.95 22.53
C TRP C 58 7.99 -1.16 21.94
N LEU C 59 9.11 -1.83 21.70
CA LEU C 59 10.27 -1.17 21.15
C LEU C 59 10.38 -1.44 19.65
N LEU C 60 10.44 -0.35 18.88
CA LEU C 60 10.67 -0.44 17.45
C LEU C 60 12.06 0.12 17.18
N SER C 61 13.05 -0.77 17.20
CA SER C 61 14.44 -0.37 17.04
C SER C 61 15.12 -1.28 16.03
N ALA C 62 16.42 -1.10 15.86
CA ALA C 62 17.18 -1.93 14.93
C ALA C 62 18.46 -2.45 15.55
N VAL C 63 18.69 -3.75 15.40
CA VAL C 63 19.93 -4.37 15.85
C VAL C 63 20.45 -5.31 14.78
N GLY C 64 21.74 -5.61 14.84
CA GLY C 64 22.39 -6.39 13.79
C GLY C 64 22.12 -7.87 13.87
N SER C 65 22.52 -8.59 12.82
CA SER C 65 22.35 -10.04 12.77
C SER C 65 23.30 -10.77 13.70
N ASP C 66 24.25 -10.03 14.28
CA ASP C 66 25.17 -10.60 15.25
C ASP C 66 24.40 -11.17 16.45
N PHE C 67 25.09 -11.97 17.25
CA PHE C 67 24.45 -12.67 18.37
C PHE C 67 24.30 -11.71 19.56
N TYR C 68 25.21 -10.75 19.63
CA TYR C 68 25.25 -9.80 20.73
C TYR C 68 24.05 -8.86 20.66
N GLY C 69 23.57 -8.60 19.45
CA GLY C 69 22.33 -7.88 19.23
C GLY C 69 21.19 -8.65 19.86
N GLN C 70 21.13 -9.94 19.55
CA GLN C 70 20.12 -10.83 20.11
C GLN C 70 20.16 -10.84 21.63
N SER C 71 21.35 -10.68 22.22
CA SER C 71 21.40 -10.70 23.67
C SER C 71 21.02 -9.35 24.26
N LEU C 72 21.16 -8.30 23.45
CA LEU C 72 20.62 -6.99 23.81
C LEU C 72 19.10 -7.08 23.88
N LEU C 73 18.51 -7.55 22.79
CA LEU C 73 17.07 -7.78 22.73
C LEU C 73 16.55 -8.66 23.84
N THR C 74 17.24 -9.76 24.14
CA THR C 74 16.79 -10.68 25.19
C THR C 74 16.82 -10.02 26.57
N GLN C 75 17.93 -9.36 26.88
CA GLN C 75 18.06 -8.64 28.15
C GLN C 75 16.93 -7.61 28.30
N THR C 76 16.70 -6.86 27.23
CA THR C 76 15.68 -5.83 27.22
C THR C 76 14.30 -6.45 27.39
N ASN C 77 14.08 -7.60 26.76
CA ASN C 77 12.83 -8.30 26.84
C ASN C 77 12.51 -8.74 28.25
N GLN C 78 13.50 -9.23 28.97
CA GLN C 78 13.21 -9.67 30.33
C GLN C 78 13.50 -8.53 31.30
N SER C 79 13.62 -7.31 30.78
CA SER C 79 13.47 -6.12 31.59
C SER C 79 11.99 -5.73 31.61
N GLY C 80 11.21 -6.37 30.73
CA GLY C 80 9.76 -6.14 30.67
C GLY C 80 9.28 -5.63 29.32
N VAL C 81 10.23 -5.25 28.46
CA VAL C 81 9.90 -4.64 27.17
C VAL C 81 9.54 -5.66 26.10
N TYR C 82 8.49 -5.37 25.33
CA TYR C 82 8.14 -6.19 24.18
C TYR C 82 9.02 -5.82 22.99
N VAL C 83 9.96 -6.68 22.66
CA VAL C 83 10.95 -6.39 21.62
C VAL C 83 10.66 -7.13 20.32
N ASP C 84 9.48 -7.74 20.22
CA ASP C 84 9.20 -8.70 19.16
C ASP C 84 8.94 -8.03 17.79
N LYS C 85 9.11 -6.72 17.72
CA LYS C 85 9.01 -6.03 16.43
C LYS C 85 10.28 -5.26 16.09
N CYS C 86 11.29 -5.36 16.92
CA CYS C 86 12.58 -4.74 16.61
C CYS C 86 13.14 -5.38 15.35
N LEU C 87 13.78 -4.57 14.52
CA LEU C 87 14.29 -5.07 13.25
C LEU C 87 15.67 -5.68 13.43
N ILE C 88 15.79 -6.97 13.15
CA ILE C 88 17.10 -7.60 13.09
C ILE C 88 17.65 -7.45 11.69
N VAL C 89 18.70 -6.64 11.56
CA VAL C 89 19.26 -6.37 10.24
C VAL C 89 20.47 -7.26 9.98
N PRO C 90 20.41 -8.06 8.90
CA PRO C 90 21.48 -8.95 8.50
C PRO C 90 22.74 -8.22 8.01
N GLY C 91 23.89 -8.84 8.21
CA GLY C 91 25.14 -8.37 7.63
C GLY C 91 25.82 -7.20 8.32
N GLU C 92 25.07 -6.38 9.04
CA GLU C 92 25.62 -5.19 9.68
C GLU C 92 25.66 -5.34 11.19
N ASN C 93 26.48 -4.52 11.84
CA ASN C 93 26.75 -4.70 13.27
C ASN C 93 25.80 -3.93 14.17
N THR C 94 25.52 -4.51 15.33
CA THR C 94 24.65 -3.88 16.31
C THR C 94 25.38 -2.63 16.81
N SER C 95 24.65 -1.53 16.89
CA SER C 95 25.24 -0.25 17.26
C SER C 95 25.78 -0.30 18.69
N SER C 96 26.70 0.60 19.02
CA SER C 96 27.31 0.58 20.34
C SER C 96 27.94 1.89 20.77
N TYR C 97 28.07 2.05 22.08
CA TYR C 97 28.71 3.22 22.67
C TYR C 97 29.89 2.80 23.54
N LEU C 98 31.07 2.85 22.95
CA LEU C 98 32.32 2.59 23.62
C LEU C 98 32.72 3.77 24.48
N SER C 99 33.29 3.51 25.65
CA SER C 99 33.68 4.57 26.56
C SER C 99 34.86 4.18 27.45
N LEU C 100 35.95 4.92 27.27
CA LEU C 100 37.17 4.78 28.06
C LEU C 100 37.12 5.79 29.20
N LEU C 101 36.99 5.24 30.40
CA LEU C 101 36.83 6.00 31.64
C LEU C 101 38.03 5.97 32.58
N ASP C 102 37.78 6.45 33.80
CA ASP C 102 38.73 6.40 34.89
C ASP C 102 37.84 6.59 36.13
N ASN C 103 38.43 6.50 37.30
CA ASN C 103 37.74 6.93 38.52
C ASN C 103 37.13 8.32 38.40
N GLU C 106 35.45 9.68 35.40
CA GLU C 106 35.60 10.76 34.44
C GLU C 106 36.06 10.25 33.06
N MET C 107 35.16 10.34 32.10
CA MET C 107 35.42 9.80 30.76
C MET C 107 36.67 10.40 30.11
N LEU C 108 37.58 9.53 29.64
CA LEU C 108 38.71 10.01 28.85
C LEU C 108 38.26 10.15 27.41
N VAL C 109 37.69 9.10 26.84
CA VAL C 109 37.23 9.19 25.46
C VAL C 109 35.98 8.34 25.23
N ALA C 110 35.30 8.54 24.11
CA ALA C 110 34.13 7.75 23.77
C ALA C 110 33.96 7.63 22.27
N ILE C 111 33.46 6.48 21.84
CA ILE C 111 33.20 6.23 20.43
C ILE C 111 31.77 5.79 20.26
N ASN C 112 31.06 6.34 19.28
CA ASN C 112 29.73 5.84 19.00
C ASN C 112 29.65 5.30 17.57
N ASP C 113 29.12 4.09 17.46
CA ASP C 113 28.90 3.48 16.15
C ASP C 113 27.40 3.24 16.04
N MET C 114 26.69 4.12 15.34
CA MET C 114 25.23 4.12 15.36
C MET C 114 24.57 4.27 13.99
N ASN C 115 25.04 3.58 12.97
CA ASN C 115 24.52 3.83 11.63
C ASN C 115 23.38 2.89 11.26
N ILE C 116 23.20 1.83 12.03
CA ILE C 116 22.07 0.94 11.83
C ILE C 116 20.77 1.63 12.22
N SER C 117 20.89 2.77 12.88
CA SER C 117 19.75 3.60 13.18
C SER C 117 19.08 4.02 11.88
N ASN C 118 19.89 4.12 10.82
CA ASN C 118 19.36 4.48 9.51
C ASN C 118 18.59 3.35 8.85
N ALA C 119 18.61 2.18 9.49
CA ALA C 119 17.82 1.04 9.02
C ALA C 119 16.41 1.08 9.59
N ILE C 120 16.22 1.88 10.63
CA ILE C 120 14.89 2.16 11.14
C ILE C 120 14.20 3.08 10.16
N THR C 121 13.67 2.50 9.08
CA THR C 121 13.21 3.28 7.94
C THR C 121 11.72 3.55 7.95
N ALA C 122 11.27 4.34 6.97
CA ALA C 122 9.86 4.64 6.80
C ALA C 122 9.11 3.40 6.37
N GLU C 123 9.74 2.60 5.51
CA GLU C 123 9.18 1.32 5.06
C GLU C 123 8.89 0.41 6.25
N TYR C 124 9.89 0.30 7.12
CA TYR C 124 9.82 -0.51 8.33
C TYR C 124 8.64 -0.12 9.20
N LEU C 125 8.57 1.17 9.56
CA LEU C 125 7.50 1.65 10.41
C LEU C 125 6.14 1.53 9.74
N ALA C 126 6.13 1.70 8.41
CA ALA C 126 4.90 1.59 7.62
C ALA C 126 4.37 0.17 7.69
N GLN C 127 5.26 -0.80 7.81
CA GLN C 127 4.84 -2.18 8.02
C GLN C 127 4.13 -2.38 9.36
N HIS C 128 4.22 -1.38 10.23
CA HIS C 128 3.57 -1.44 11.54
C HIS C 128 2.72 -0.20 11.78
N ARG C 129 2.30 0.45 10.69
CA ARG C 129 1.46 1.64 10.73
C ARG C 129 0.28 1.52 11.69
N GLU C 130 -0.54 0.49 11.57
CA GLU C 130 -1.76 0.40 12.37
C GLU C 130 -1.45 0.17 13.85
N PHE C 131 -0.45 -0.67 14.12
CA PHE C 131 -0.05 -0.96 15.48
C PHE C 131 0.43 0.32 16.15
N ILE C 132 1.19 1.11 15.40
CA ILE C 132 1.69 2.39 15.92
C ILE C 132 0.54 3.35 16.16
N GLN C 133 -0.40 3.38 15.21
CA GLN C 133 -1.51 4.32 15.27
C GLN C 133 -2.58 3.95 16.29
N ARG C 134 -2.45 2.79 16.92
CA ARG C 134 -3.36 2.44 18.00
C ARG C 134 -2.68 2.36 19.36
N ALA C 135 -1.58 3.11 19.50
CA ALA C 135 -0.93 3.27 20.79
C ALA C 135 -1.50 4.47 21.53
N LYS C 136 -1.21 4.53 22.83
CA LYS C 136 -1.65 5.65 23.65
C LYS C 136 -0.73 6.84 23.53
N VAL C 137 0.52 6.56 23.22
CA VAL C 137 1.51 7.59 23.03
C VAL C 137 2.70 6.97 22.30
N ILE C 138 3.28 7.75 21.40
CA ILE C 138 4.46 7.31 20.68
C ILE C 138 5.66 8.12 21.13
N VAL C 139 6.71 7.44 21.57
CA VAL C 139 7.94 8.14 21.94
C VAL C 139 9.05 7.89 20.93
N ALA C 140 9.60 8.97 20.39
CA ALA C 140 10.63 8.89 19.37
C ALA C 140 11.86 9.69 19.77
N ASP C 141 13.04 9.19 19.42
CA ASP C 141 14.25 9.97 19.63
C ASP C 141 14.83 10.42 18.31
N CYS C 142 15.73 11.39 18.34
CA CYS C 142 16.25 11.98 17.11
C CYS C 142 17.52 11.28 16.62
N ASN C 143 17.78 10.09 17.15
CA ASN C 143 18.83 9.24 16.58
C ASN C 143 18.42 8.70 15.22
N ILE C 144 17.10 8.58 15.01
CA ILE C 144 16.58 8.08 13.76
C ILE C 144 16.72 9.14 12.69
N SER C 145 16.56 8.74 11.43
CA SER C 145 16.75 9.64 10.30
C SER C 145 15.64 10.67 10.21
N GLU C 146 15.91 11.77 9.51
CA GLU C 146 14.93 12.84 9.33
C GLU C 146 13.69 12.32 8.60
N GLU C 147 13.90 11.44 7.64
CA GLU C 147 12.80 10.86 6.88
C GLU C 147 11.92 10.00 7.77
N ALA C 148 12.54 9.29 8.71
CA ALA C 148 11.81 8.39 9.59
C ALA C 148 11.00 9.17 10.61
N LEU C 149 11.61 10.20 11.18
CA LEU C 149 10.93 11.06 12.14
C LEU C 149 9.78 11.77 11.45
N ALA C 150 10.02 12.18 10.20
CA ALA C 150 9.00 12.83 9.40
C ALA C 150 7.84 11.87 9.15
N TRP C 151 8.15 10.60 8.93
CA TRP C 151 7.10 9.62 8.69
C TRP C 151 6.28 9.43 9.95
N ILE C 152 6.95 9.37 11.09
CA ILE C 152 6.24 9.19 12.36
C ILE C 152 5.29 10.35 12.61
N LEU C 153 5.80 11.57 12.45
CA LEU C 153 5.01 12.75 12.72
C LEU C 153 3.89 12.94 11.69
N ASP C 154 4.10 12.45 10.48
CA ASP C 154 3.09 12.57 9.42
C ASP C 154 2.00 11.50 9.51
N ASN C 155 2.27 10.42 10.23
CA ASN C 155 1.34 9.29 10.29
C ASN C 155 0.99 8.86 11.71
N ALA C 156 0.90 9.82 12.62
CA ALA C 156 0.66 9.49 14.02
C ALA C 156 -0.83 9.42 14.34
N ALA C 157 -1.65 9.92 13.41
CA ALA C 157 -3.11 9.83 13.53
C ALA C 157 -3.62 10.35 14.88
N ASN C 158 -3.17 11.55 15.23
CA ASN C 158 -3.57 12.22 16.47
C ASN C 158 -3.17 11.48 17.74
N VAL C 159 -2.21 10.57 17.62
CA VAL C 159 -1.59 9.99 18.81
C VAL C 159 -0.42 10.87 19.20
N PRO C 160 -0.42 11.35 20.46
CA PRO C 160 0.64 12.27 20.92
C PRO C 160 2.04 11.71 20.73
N VAL C 161 2.88 12.46 20.03
CA VAL C 161 4.28 12.08 19.85
C VAL C 161 5.17 12.87 20.80
N PHE C 162 5.84 12.14 21.68
CA PHE C 162 6.85 12.69 22.58
C PHE C 162 8.23 12.51 21.95
N VAL C 163 8.99 13.60 21.85
CA VAL C 163 10.28 13.51 21.15
C VAL C 163 11.46 13.87 22.05
N ASP C 164 12.46 12.99 22.07
CA ASP C 164 13.72 13.25 22.75
C ASP C 164 14.77 13.72 21.73
N PRO C 165 15.24 14.96 21.89
CA PRO C 165 16.17 15.63 20.97
C PRO C 165 17.57 15.01 20.95
N VAL C 166 17.91 14.28 22.02
CA VAL C 166 19.18 13.56 22.16
C VAL C 166 20.41 14.47 22.31
N SER C 167 20.75 15.19 21.25
CA SER C 167 21.95 16.05 21.28
C SER C 167 21.76 17.33 20.49
N ALA C 168 22.72 18.25 20.63
CA ALA C 168 22.70 19.50 19.89
C ALA C 168 22.83 19.25 18.40
N TRP C 169 23.48 18.14 18.06
CA TRP C 169 23.71 17.77 16.67
C TRP C 169 22.47 17.17 16.02
N LYS C 170 21.69 16.42 16.79
CA LYS C 170 20.59 15.65 16.22
C LYS C 170 19.20 16.25 16.52
N CYS C 171 19.15 17.30 17.31
CA CYS C 171 17.87 17.93 17.63
C CYS C 171 17.32 18.72 16.44
N VAL C 172 18.20 19.14 15.54
CA VAL C 172 17.85 20.08 14.48
C VAL C 172 16.75 19.58 13.55
N LYS C 173 16.65 18.26 13.39
CA LYS C 173 15.66 17.66 12.49
C LYS C 173 14.25 17.92 13.01
N VAL C 174 14.16 18.47 14.21
CA VAL C 174 12.89 18.73 14.86
C VAL C 174 12.40 20.16 14.57
N ARG C 175 13.32 21.02 14.15
CA ARG C 175 13.04 22.46 14.03
C ARG C 175 11.84 22.78 13.14
N ASP C 176 11.73 22.12 11.99
CA ASP C 176 10.65 22.39 11.06
C ASP C 176 9.36 21.63 11.37
N ARG C 177 9.30 20.94 12.50
CA ARG C 177 8.15 20.07 12.77
C ARG C 177 7.61 20.16 14.19
N LEU C 178 7.90 21.26 14.87
CA LEU C 178 7.46 21.43 16.25
C LEU C 178 5.93 21.45 16.36
N ASN C 179 5.24 21.71 15.25
CA ASN C 179 3.78 21.75 15.28
C ASN C 179 3.19 20.34 15.25
N GLN C 180 4.03 19.35 14.97
CA GLN C 180 3.57 17.97 14.92
C GLN C 180 3.95 17.21 16.18
N ILE C 181 4.54 17.91 17.14
CA ILE C 181 5.08 17.28 18.33
C ILE C 181 4.32 17.69 19.59
N HIS C 182 3.90 16.70 20.37
CA HIS C 182 3.10 16.97 21.57
C HIS C 182 3.98 17.53 22.68
N THR C 183 5.13 16.89 22.87
CA THR C 183 6.05 17.28 23.93
C THR C 183 7.50 17.12 23.51
N LEU C 184 8.28 18.18 23.67
CA LEU C 184 9.71 18.14 23.39
C LEU C 184 10.48 18.35 24.69
N LYS C 185 11.55 17.58 24.88
CA LYS C 185 12.34 17.70 26.10
C LYS C 185 13.80 18.03 25.77
N PRO C 186 14.08 19.30 25.44
CA PRO C 186 15.45 19.67 25.16
C PRO C 186 16.20 20.15 26.39
N ASN C 187 17.51 20.02 26.39
CA ASN C 187 18.33 20.67 27.41
C ASN C 187 18.66 22.08 26.96
N ARG C 188 19.50 22.77 27.71
CA ARG C 188 19.87 24.14 27.40
C ARG C 188 20.44 24.29 26.00
N LEU C 189 21.49 23.51 25.73
CA LEU C 189 22.21 23.62 24.46
C LEU C 189 21.31 23.30 23.28
N GLU C 190 20.46 22.30 23.46
CA GLU C 190 19.54 21.88 22.41
C GLU C 190 18.50 22.97 22.12
N ALA C 191 18.01 23.61 23.18
CA ALA C 191 17.05 24.69 23.03
C ALA C 191 17.69 25.88 22.33
N GLU C 192 18.93 26.20 22.70
CA GLU C 192 19.66 27.30 22.06
C GLU C 192 19.86 26.99 20.59
N THR C 193 20.24 25.75 20.30
CA THR C 193 20.52 25.31 18.94
C THR C 193 19.28 25.37 18.07
N LEU C 194 18.14 24.97 18.63
CA LEU C 194 16.89 24.97 17.88
C LEU C 194 16.38 26.38 17.64
N SER C 195 16.33 27.17 18.71
CA SER C 195 15.70 28.48 18.65
C SER C 195 16.58 29.54 17.99
N GLY C 196 17.89 29.40 18.13
CA GLY C 196 18.82 30.41 17.63
C GLY C 196 18.87 31.56 18.61
N ILE C 197 18.38 31.29 19.82
CA ILE C 197 18.36 32.28 20.89
C ILE C 197 19.25 31.81 22.04
N ALA C 198 20.08 32.70 22.54
CA ALA C 198 21.02 32.35 23.59
C ALA C 198 20.32 32.23 24.93
N LEU C 199 20.67 31.18 25.67
CA LEU C 199 20.17 31.01 27.02
C LEU C 199 21.30 31.26 28.01
N SER C 200 21.70 32.53 28.09
CA SER C 200 22.75 32.96 28.99
C SER C 200 22.34 32.72 30.44
N GLY C 201 21.07 32.99 30.74
CA GLY C 201 20.56 32.85 32.09
C GLY C 201 19.07 32.61 32.15
N ARG C 202 18.55 32.57 33.36
CA ARG C 202 17.14 32.29 33.62
C ARG C 202 16.21 33.37 33.06
N ASP C 203 16.77 34.50 32.64
CA ASP C 203 15.98 35.56 32.04
C ASP C 203 15.63 35.29 30.58
N ASP C 204 16.12 34.17 30.06
CA ASP C 204 15.97 33.91 28.64
C ASP C 204 15.00 32.77 28.31
N VAL C 205 14.58 32.02 29.33
CA VAL C 205 13.72 30.87 29.11
C VAL C 205 12.37 31.29 28.51
N ALA C 206 11.87 32.45 28.93
CA ALA C 206 10.58 32.93 28.45
C ALA C 206 10.61 33.22 26.95
N LYS C 207 11.65 33.91 26.49
CA LYS C 207 11.75 34.28 25.08
C LYS C 207 11.99 33.04 24.22
N VAL C 208 12.72 32.08 24.77
CA VAL C 208 13.00 30.83 24.05
C VAL C 208 11.72 30.00 23.91
N ALA C 209 10.99 29.89 25.03
CA ALA C 209 9.75 29.15 25.06
C ALA C 209 8.73 29.80 24.13
N ALA C 210 8.71 31.12 24.12
CA ALA C 210 7.81 31.86 23.25
C ALA C 210 8.17 31.57 21.80
N TRP C 211 9.47 31.42 21.54
CA TRP C 211 9.89 31.07 20.19
C TRP C 211 9.37 29.70 19.82
N PHE C 212 9.46 28.76 20.76
CA PHE C 212 9.00 27.40 20.53
C PHE C 212 7.50 27.35 20.26
N HIS C 213 6.74 28.09 21.06
CA HIS C 213 5.28 28.10 20.93
C HIS C 213 4.82 28.80 19.66
N GLN C 214 5.56 29.83 19.25
CA GLN C 214 5.20 30.53 18.01
C GLN C 214 5.51 29.67 16.79
N HIS C 215 6.39 28.69 16.96
CA HIS C 215 6.69 27.76 15.89
C HIS C 215 5.90 26.47 16.01
N GLY C 216 4.94 26.45 16.92
CA GLY C 216 3.93 25.40 16.96
C GLY C 216 4.10 24.29 17.99
N LEU C 217 5.11 24.40 18.85
CA LEU C 217 5.32 23.37 19.85
C LEU C 217 4.23 23.42 20.92
N ASN C 218 3.53 22.30 21.09
CA ASN C 218 2.48 22.19 22.08
C ASN C 218 3.01 22.32 23.50
N ARG C 219 3.97 21.48 23.85
CA ARG C 219 4.53 21.50 25.20
C ARG C 219 6.06 21.47 25.19
N LEU C 220 6.65 22.29 26.05
CA LEU C 220 8.09 22.36 26.18
C LEU C 220 8.51 21.96 27.59
N VAL C 221 9.39 20.95 27.68
CA VAL C 221 10.01 20.60 28.95
C VAL C 221 11.51 20.85 28.84
N LEU C 222 11.95 21.95 29.42
CA LEU C 222 13.32 22.44 29.26
C LEU C 222 14.18 22.18 30.50
N SER C 223 15.08 21.21 30.40
CA SER C 223 15.99 20.93 31.51
C SER C 223 17.18 21.88 31.49
N MET C 224 17.37 22.60 32.60
CA MET C 224 18.36 23.67 32.65
C MET C 224 19.56 23.32 33.51
N GLY C 225 19.61 22.09 33.99
CA GLY C 225 20.67 21.66 34.87
C GLY C 225 20.41 22.08 36.29
N GLY C 226 21.29 22.92 36.84
CA GLY C 226 21.18 23.36 38.21
C GLY C 226 20.05 24.35 38.42
N ASP C 227 19.71 25.08 37.36
CA ASP C 227 18.59 26.03 37.41
C ASP C 227 17.26 25.29 37.58
N GLY C 228 17.21 24.06 37.07
CA GLY C 228 16.04 23.22 37.24
C GLY C 228 15.34 22.87 35.94
N VAL C 229 14.04 22.64 36.00
CA VAL C 229 13.25 22.39 34.80
C VAL C 229 12.20 23.48 34.56
N TYR C 230 12.27 24.13 33.40
CA TYR C 230 11.25 25.08 33.02
C TYR C 230 10.26 24.45 32.05
N TYR C 231 8.99 24.40 32.44
CA TYR C 231 7.96 23.79 31.60
C TYR C 231 6.97 24.85 31.09
N SER C 232 6.58 24.72 29.82
CA SER C 232 5.69 25.71 29.21
C SER C 232 4.68 25.08 28.25
N ASP C 233 3.40 25.42 28.46
CA ASP C 233 2.31 24.95 27.61
C ASP C 233 1.85 26.07 26.67
N ILE C 234 1.70 25.75 25.39
CA ILE C 234 1.26 26.72 24.38
C ILE C 234 -0.09 27.36 24.74
N ARG C 235 -0.84 26.72 25.64
CA ARG C 235 -2.11 27.29 26.10
C ARG C 235 -1.92 28.28 27.23
N GLY C 236 -0.68 28.48 27.66
CA GLY C 236 -0.38 29.54 28.61
C GLY C 236 0.26 29.15 29.93
N GLU C 237 0.06 27.91 30.38
CA GLU C 237 0.67 27.49 31.63
C GLU C 237 2.18 27.34 31.50
N ASN C 238 2.91 27.93 32.43
CA ASN C 238 4.35 27.75 32.50
C ASN C 238 4.86 27.88 33.92
N GLY C 239 6.05 27.36 34.18
CA GLY C 239 6.64 27.50 35.50
C GLY C 239 7.99 26.82 35.65
N TRP C 240 8.61 27.04 36.80
CA TRP C 240 9.85 26.37 37.15
C TRP C 240 9.59 25.24 38.13
N SER C 241 10.45 24.22 38.07
CA SER C 241 10.50 23.19 39.09
C SER C 241 11.95 22.98 39.48
N ALA C 242 12.25 23.23 40.75
CA ALA C 242 13.62 23.14 41.24
C ALA C 242 14.04 21.68 41.31
N PRO C 243 15.35 21.42 41.16
CA PRO C 243 15.80 20.02 41.10
C PRO C 243 15.52 19.27 42.37
N ILE C 244 15.25 17.98 42.27
CA ILE C 244 15.31 17.13 43.44
C ILE C 244 16.79 16.97 43.74
N LYS C 245 17.22 17.38 44.93
CA LYS C 245 18.65 17.37 45.24
C LYS C 245 19.07 16.02 45.73
N THR C 246 20.19 15.55 45.17
CA THR C 246 20.54 14.13 45.20
C THR C 246 22.04 13.89 45.32
N ASN C 247 22.40 12.66 45.64
CA ASN C 247 23.79 12.23 45.59
C ASN C 247 24.08 11.46 44.30
N VAL C 248 24.54 12.18 43.27
CA VAL C 248 24.70 11.60 41.93
C VAL C 248 25.89 10.63 41.82
N ILE C 249 25.70 9.49 41.15
CA ILE C 249 26.80 8.53 40.92
C ILE C 249 26.98 8.24 39.41
N ASN C 250 25.87 8.16 38.66
CA ASN C 250 25.93 8.49 37.23
C ASN C 250 24.84 9.43 36.76
N VAL C 251 25.09 9.95 35.57
CA VAL C 251 24.32 10.98 34.92
C VAL C 251 23.65 10.41 33.68
N THR C 252 24.19 9.30 33.19
CA THR C 252 23.59 8.63 32.04
C THR C 252 22.22 8.10 32.41
N GLY C 253 21.30 8.16 31.46
CA GLY C 253 19.95 7.67 31.67
C GLY C 253 19.05 8.60 32.44
N ALA C 254 19.54 9.82 32.72
CA ALA C 254 18.75 10.81 33.43
C ALA C 254 17.58 11.28 32.58
N GLY C 255 17.90 11.87 31.42
CA GLY C 255 16.90 12.34 30.49
C GLY C 255 16.02 11.22 29.96
N ASP C 256 16.58 10.02 29.87
CA ASP C 256 15.82 8.87 29.41
C ASP C 256 14.71 8.55 30.41
N ALA C 257 15.07 8.61 31.69
CA ALA C 257 14.13 8.35 32.77
C ALA C 257 13.09 9.46 32.82
N MET C 258 13.51 10.70 32.61
CA MET C 258 12.58 11.82 32.61
C MET C 258 11.56 11.69 31.49
N MET C 259 12.03 11.33 30.29
CA MET C 259 11.14 11.15 29.16
C MET C 259 10.11 10.06 29.45
N ALA C 260 10.61 8.96 30.01
CA ALA C 260 9.70 7.86 30.38
C ALA C 260 8.65 8.36 31.37
N GLY C 261 9.10 9.18 32.32
CA GLY C 261 8.20 9.74 33.31
C GLY C 261 7.11 10.59 32.69
N LEU C 262 7.49 11.43 31.73
CA LEU C 262 6.53 12.31 31.07
C LEU C 262 5.49 11.51 30.29
N ALA C 263 5.96 10.55 29.49
CA ALA C 263 5.04 9.75 28.69
C ALA C 263 4.08 8.94 29.57
N SER C 264 4.64 8.30 30.60
CA SER C 264 3.86 7.47 31.49
C SER C 264 2.82 8.29 32.24
N CYS C 265 3.24 9.41 32.82
CA CYS C 265 2.32 10.31 33.51
C CYS C 265 1.22 10.81 32.57
N TRP C 266 1.56 11.07 31.32
CA TRP C 266 0.56 11.50 30.36
C TRP C 266 -0.48 10.41 30.18
N VAL C 267 -0.02 9.18 29.99
CA VAL C 267 -0.94 8.05 29.82
C VAL C 267 -1.82 7.85 31.06
N ASP C 268 -1.27 8.14 32.24
CA ASP C 268 -2.01 7.95 33.49
C ASP C 268 -3.00 9.09 33.76
N GLY C 269 -3.07 10.06 32.86
CA GLY C 269 -4.01 11.16 33.01
C GLY C 269 -3.58 12.28 33.93
N MET C 270 -2.30 12.30 34.30
CA MET C 270 -1.78 13.33 35.19
C MET C 270 -1.63 14.68 34.51
N PRO C 271 -1.83 15.78 35.27
CA PRO C 271 -1.61 17.14 34.76
C PRO C 271 -0.15 17.39 34.41
N PHE C 272 0.11 18.50 33.71
CA PHE C 272 1.43 18.79 33.17
C PHE C 272 2.48 18.97 34.28
N ALA C 273 2.23 19.91 35.19
CA ALA C 273 3.18 20.25 36.24
C ALA C 273 3.57 19.04 37.11
N GLU C 274 2.58 18.32 37.60
CA GLU C 274 2.83 17.15 38.44
C GLU C 274 3.55 16.06 37.65
N SER C 275 3.32 16.04 36.34
CA SER C 275 4.01 15.10 35.47
C SER C 275 5.48 15.47 35.38
N VAL C 276 5.75 16.77 35.41
CA VAL C 276 7.13 17.26 35.35
C VAL C 276 7.86 16.93 36.65
N ARG C 277 7.21 17.20 37.78
CA ARG C 277 7.80 16.88 39.08
C ARG C 277 8.10 15.38 39.19
N PHE C 278 7.11 14.56 38.81
CA PHE C 278 7.29 13.12 38.81
C PHE C 278 8.46 12.71 37.92
N ALA C 279 8.56 13.33 36.75
CA ALA C 279 9.61 13.00 35.80
C ALA C 279 10.98 13.33 36.38
N GLN C 280 11.05 14.44 37.12
CA GLN C 280 12.28 14.79 37.83
C GLN C 280 12.61 13.72 38.85
N GLY C 281 11.57 13.18 39.49
CA GLY C 281 11.75 12.07 40.40
C GLY C 281 12.41 10.89 39.74
N CYS C 282 11.86 10.50 38.58
CA CYS C 282 12.44 9.41 37.79
C CYS C 282 13.92 9.66 37.45
N SER C 283 14.21 10.85 36.94
CA SER C 283 15.56 11.15 36.49
C SER C 283 16.52 11.10 37.67
N SER C 284 16.03 11.50 38.84
CA SER C 284 16.81 11.42 40.06
C SER C 284 17.14 9.97 40.42
N MET C 285 16.09 9.14 40.42
CA MET C 285 16.26 7.71 40.65
C MET C 285 17.32 7.11 39.73
N ALA C 286 17.31 7.55 38.47
CA ALA C 286 18.31 7.11 37.51
C ALA C 286 19.69 7.65 37.90
N LEU C 287 19.73 8.89 38.35
CA LEU C 287 20.97 9.55 38.72
C LEU C 287 21.66 8.88 39.91
N SER C 288 20.90 8.13 40.69
CA SER C 288 21.44 7.55 41.91
C SER C 288 21.75 6.06 41.78
N CYS C 289 21.95 5.59 40.56
CA CYS C 289 22.24 4.19 40.32
C CYS C 289 23.36 4.02 39.30
N GLU C 290 24.41 3.31 39.69
CA GLU C 290 25.56 2.96 38.84
C GLU C 290 25.22 2.53 37.41
N TYR C 291 24.05 1.92 37.19
CA TYR C 291 23.69 1.47 35.86
C TYR C 291 22.89 2.55 35.12
N THR C 292 22.70 2.35 33.82
CA THR C 292 22.03 3.35 32.99
C THR C 292 20.52 3.39 33.27
N ASN C 293 19.97 2.26 33.68
CA ASN C 293 18.60 2.20 34.16
C ASN C 293 18.55 1.61 35.56
N ASN C 294 17.73 2.18 36.42
CA ASN C 294 17.58 1.66 37.78
C ASN C 294 16.43 0.66 37.82
N PRO C 295 16.75 -0.60 38.16
CA PRO C 295 15.75 -1.67 38.22
C PRO C 295 14.79 -1.53 39.41
N ASP C 296 15.03 -0.55 40.29
CA ASP C 296 14.07 -0.25 41.34
C ASP C 296 13.37 1.07 41.06
N LEU C 297 13.38 1.48 39.79
CA LEU C 297 12.53 2.59 39.34
C LEU C 297 11.09 2.12 39.29
N SER C 298 10.23 2.77 40.05
CA SER C 298 8.83 2.38 40.11
C SER C 298 7.97 3.53 40.61
N ILE C 299 6.69 3.48 40.25
CA ILE C 299 5.73 4.47 40.71
C ILE C 299 5.83 4.65 42.22
N ALA C 300 5.93 3.51 42.91
CA ALA C 300 6.06 3.48 44.36
C ALA C 300 7.22 4.34 44.87
N ASN C 301 8.44 4.02 44.44
CA ASN C 301 9.62 4.67 45.01
C ASN C 301 9.92 6.03 44.39
N VAL C 302 9.42 6.28 43.19
CA VAL C 302 9.46 7.63 42.64
C VAL C 302 8.54 8.54 43.44
N ILE C 303 7.32 8.08 43.70
CA ILE C 303 6.39 8.85 44.49
C ILE C 303 6.97 9.05 45.89
N SER C 304 7.60 8.02 46.42
CA SER C 304 8.24 8.12 47.74
C SER C 304 9.35 9.17 47.72
N LEU C 305 10.05 9.25 46.60
CA LEU C 305 11.10 10.26 46.43
C LEU C 305 10.50 11.67 46.30
N VAL C 306 9.26 11.76 45.80
CA VAL C 306 8.63 13.06 45.58
C VAL C 306 7.89 13.63 46.80
N GLU C 307 7.12 12.80 47.50
CA GLU C 307 6.44 13.24 48.72
C GLU C 307 7.45 13.60 49.81
N ASN C 308 8.66 13.05 49.68
CA ASN C 308 9.73 13.36 50.62
C ASN C 308 10.39 14.69 50.21
N ALA C 309 9.58 15.74 50.24
CA ALA C 309 10.04 17.10 49.90
C ALA C 309 9.72 18.07 51.02
N LYS D 4 35.10 -40.99 17.29
CA LYS D 4 34.75 -40.68 18.67
C LYS D 4 35.95 -40.08 19.42
N ASP D 5 36.94 -39.62 18.67
CA ASP D 5 38.09 -38.94 19.26
C ASP D 5 37.80 -37.46 19.42
N TYR D 6 38.00 -36.94 20.63
CA TYR D 6 37.78 -35.53 20.89
C TYR D 6 38.99 -34.86 21.53
N VAL D 7 39.07 -33.55 21.34
CA VAL D 7 40.14 -32.72 21.88
C VAL D 7 39.57 -31.80 22.93
N VAL D 8 40.30 -31.60 24.02
CA VAL D 8 39.84 -30.68 25.07
C VAL D 8 40.72 -29.44 25.16
N ILE D 9 40.09 -28.28 25.08
CA ILE D 9 40.79 -27.01 25.18
C ILE D 9 40.38 -26.31 26.47
N ILE D 10 41.36 -25.99 27.31
CA ILE D 10 41.08 -25.36 28.58
C ILE D 10 41.76 -24.00 28.65
N GLY D 11 40.95 -22.94 28.56
CA GLY D 11 41.48 -21.59 28.49
C GLY D 11 40.41 -20.53 28.60
N SER D 12 40.73 -19.33 28.15
CA SER D 12 39.84 -18.19 28.34
C SER D 12 38.99 -17.91 27.11
N ALA D 13 37.74 -17.52 27.36
CA ALA D 13 36.84 -17.07 26.31
C ALA D 13 36.49 -15.61 26.53
N ASN D 14 36.85 -14.76 25.58
CA ASN D 14 36.67 -13.32 25.74
C ASN D 14 35.76 -12.74 24.67
N ILE D 15 35.38 -11.49 24.87
CA ILE D 15 34.81 -10.69 23.80
C ILE D 15 35.77 -9.54 23.51
N ASP D 16 36.33 -9.52 22.31
CA ASP D 16 37.19 -8.43 21.90
C ASP D 16 36.33 -7.32 21.32
N VAL D 17 36.42 -6.13 21.91
CA VAL D 17 35.70 -5.00 21.36
C VAL D 17 36.69 -4.00 20.79
N ALA D 18 36.60 -3.76 19.48
CA ALA D 18 37.55 -2.85 18.85
C ALA D 18 36.86 -1.60 18.31
N GLY D 19 37.28 -0.43 18.77
CA GLY D 19 36.71 0.80 18.28
C GLY D 19 37.73 1.73 17.64
N TYR D 20 37.39 2.29 16.48
CA TYR D 20 38.26 3.30 15.88
C TYR D 20 37.47 4.45 15.27
N SER D 21 38.04 5.64 15.31
CA SER D 21 37.39 6.87 14.86
C SER D 21 37.57 7.17 13.36
N HIS D 22 37.10 8.34 12.95
CA HIS D 22 37.24 8.82 11.59
C HIS D 22 37.85 10.21 11.61
N LEU D 25 40.22 12.74 15.81
CA LEU D 25 40.14 11.70 16.81
C LEU D 25 40.54 12.26 18.14
N ASN D 26 39.99 13.37 18.63
CA ASN D 26 40.53 13.76 19.94
C ASN D 26 39.53 14.11 21.03
N TYR D 27 40.10 14.29 22.23
CA TYR D 27 39.52 13.71 23.44
C TYR D 27 38.43 14.50 24.18
N ALA D 28 37.84 13.85 25.18
CA ALA D 28 36.71 14.36 25.95
C ALA D 28 35.55 14.71 25.00
N ASP D 29 35.32 13.82 24.04
CA ASP D 29 34.32 13.98 22.99
C ASP D 29 33.75 12.65 22.51
N SER D 30 32.42 12.55 22.40
CA SER D 30 31.79 11.40 21.77
C SER D 30 32.16 11.37 20.30
N ASN D 31 33.23 10.68 19.94
CA ASN D 31 33.66 10.76 18.57
C ASN D 31 33.08 9.60 17.75
N PRO D 32 32.37 9.92 16.65
CA PRO D 32 31.78 8.94 15.74
C PRO D 32 32.83 8.04 15.10
N GLY D 33 32.58 6.74 15.07
CA GLY D 33 33.53 5.79 14.50
C GLY D 33 32.88 4.45 14.24
N LYS D 34 33.67 3.39 14.33
CA LYS D 34 33.13 2.05 14.16
C LYS D 34 33.64 1.11 15.26
N ILE D 35 32.70 0.35 15.80
CA ILE D 35 32.94 -0.59 16.88
C ILE D 35 32.58 -2.01 16.48
N LYS D 36 33.48 -2.96 16.71
CA LYS D 36 33.22 -4.36 16.40
C LYS D 36 33.34 -5.28 17.61
N PHE D 37 32.33 -6.13 17.78
CA PHE D 37 32.36 -7.19 18.78
C PHE D 37 32.78 -8.49 18.10
N THR D 38 33.92 -9.04 18.54
CA THR D 38 34.36 -10.33 18.04
C THR D 38 34.52 -11.31 19.18
N PRO D 39 34.41 -12.62 18.90
CA PRO D 39 34.75 -13.60 19.92
C PRO D 39 36.27 -13.76 20.01
N GLY D 40 36.79 -13.83 21.23
CA GLY D 40 38.23 -13.93 21.44
C GLY D 40 38.59 -14.84 22.59
N GLY D 41 39.79 -14.66 23.13
CA GLY D 41 40.28 -15.49 24.20
C GLY D 41 41.09 -16.65 23.64
N VAL D 42 42.34 -16.79 24.11
CA VAL D 42 43.27 -17.76 23.57
C VAL D 42 42.69 -19.18 23.46
N GLY D 43 42.14 -19.67 24.57
CA GLY D 43 41.55 -21.01 24.59
C GLY D 43 40.41 -21.16 23.61
N ARG D 44 39.44 -20.26 23.69
CA ARG D 44 38.27 -20.29 22.83
C ARG D 44 38.66 -20.24 21.35
N ASN D 45 39.58 -19.32 21.03
CA ASN D 45 40.08 -19.19 19.66
C ASN D 45 40.75 -20.47 19.17
N ILE D 46 41.53 -21.11 20.04
CA ILE D 46 42.21 -22.35 19.67
C ILE D 46 41.17 -23.43 19.39
N ALA D 47 40.15 -23.50 20.25
CA ALA D 47 39.08 -24.46 20.08
C ALA D 47 38.39 -24.27 18.73
N GLN D 48 38.14 -23.01 18.37
CA GLN D 48 37.47 -22.71 17.11
C GLN D 48 38.33 -23.10 15.91
N ASN D 49 39.62 -22.79 15.96
CA ASN D 49 40.52 -23.18 14.88
C ASN D 49 40.64 -24.70 14.76
N LEU D 50 40.54 -25.40 15.89
CA LEU D 50 40.57 -26.85 15.87
C LEU D 50 39.32 -27.39 15.19
N ALA D 51 38.18 -26.79 15.52
CA ALA D 51 36.92 -27.20 14.91
C ALA D 51 36.94 -26.96 13.41
N LEU D 52 37.52 -25.84 13.00
CA LEU D 52 37.67 -25.54 11.57
C LEU D 52 38.70 -26.45 10.92
N LEU D 53 39.56 -27.07 11.73
CA LEU D 53 40.52 -28.02 11.21
C LEU D 53 39.92 -29.43 11.15
N GLY D 54 38.73 -29.58 11.73
CA GLY D 54 37.97 -30.80 11.59
C GLY D 54 37.88 -31.67 12.83
N ASN D 55 38.62 -31.31 13.87
CA ASN D 55 38.61 -32.07 15.10
C ASN D 55 37.38 -31.75 15.94
N LYS D 56 36.94 -32.71 16.74
CA LYS D 56 35.80 -32.48 17.62
C LYS D 56 36.32 -31.83 18.89
N ALA D 57 36.00 -30.55 19.09
CA ALA D 57 36.64 -29.79 20.14
C ALA D 57 35.69 -29.39 21.26
N TRP D 58 36.09 -29.69 22.49
CA TRP D 58 35.34 -29.29 23.67
C TRP D 58 36.04 -28.15 24.39
N LEU D 59 35.29 -27.09 24.67
CA LEU D 59 35.85 -25.95 25.37
C LEU D 59 35.49 -25.97 26.85
N LEU D 60 36.50 -25.94 27.70
CA LEU D 60 36.28 -25.85 29.14
C LEU D 60 36.71 -24.46 29.59
N SER D 61 35.77 -23.53 29.58
CA SER D 61 36.05 -22.13 29.89
C SER D 61 35.05 -21.57 30.87
N ALA D 62 35.15 -20.28 31.15
CA ALA D 62 34.23 -19.62 32.07
C ALA D 62 33.71 -18.32 31.49
N VAL D 63 32.39 -18.13 31.56
CA VAL D 63 31.77 -16.89 31.14
C VAL D 63 30.73 -16.47 32.18
N GLY D 64 30.37 -15.19 32.18
CA GLY D 64 29.48 -14.66 33.20
C GLY D 64 28.02 -15.01 32.97
N SER D 65 27.20 -14.74 33.98
CA SER D 65 25.76 -14.98 33.90
C SER D 65 25.06 -13.97 33.00
N ASP D 66 25.79 -12.95 32.56
CA ASP D 66 25.25 -11.97 31.63
C ASP D 66 24.81 -12.65 30.33
N PHE D 67 24.05 -11.93 29.51
CA PHE D 67 23.49 -12.50 28.29
C PHE D 67 24.54 -12.55 27.18
N TYR D 68 25.45 -11.59 27.23
CA TYR D 68 26.48 -11.44 26.22
C TYR D 68 27.46 -12.60 26.29
N GLY D 69 27.63 -13.13 27.49
CA GLY D 69 28.38 -14.34 27.69
C GLY D 69 27.75 -15.50 26.92
N GLN D 70 26.45 -15.69 27.10
CA GLN D 70 25.76 -16.78 26.41
C GLN D 70 25.90 -16.64 24.91
N SER D 71 25.87 -15.42 24.38
CA SER D 71 25.95 -15.29 22.92
C SER D 71 27.39 -15.44 22.42
N LEU D 72 28.35 -15.25 23.33
CA LEU D 72 29.71 -15.66 23.03
C LEU D 72 29.72 -17.18 22.84
N LEU D 73 29.18 -17.87 23.84
CA LEU D 73 29.04 -19.34 23.77
C LEU D 73 28.31 -19.83 22.52
N THR D 74 27.22 -19.17 22.17
CA THR D 74 26.39 -19.54 21.02
C THR D 74 27.13 -19.36 19.70
N GLN D 75 27.77 -18.19 19.55
CA GLN D 75 28.56 -17.91 18.37
C GLN D 75 29.63 -18.99 18.20
N THR D 76 30.28 -19.30 19.32
CA THR D 76 31.34 -20.29 19.35
C THR D 76 30.78 -21.67 18.99
N ASN D 77 29.59 -21.96 19.49
CA ASN D 77 28.93 -23.25 19.26
C ASN D 77 28.61 -23.43 17.77
N GLN D 78 28.14 -22.39 17.10
CA GLN D 78 27.88 -22.55 15.66
C GLN D 78 29.12 -22.19 14.87
N SER D 79 30.26 -22.08 15.56
CA SER D 79 31.53 -22.12 14.85
C SER D 79 32.00 -23.57 14.78
N GLY D 80 31.34 -24.44 15.55
CA GLY D 80 31.61 -25.86 15.54
C GLY D 80 32.05 -26.43 16.87
N VAL D 81 32.32 -25.55 17.83
CA VAL D 81 32.85 -25.96 19.13
C VAL D 81 31.74 -26.43 20.08
N TYR D 82 32.01 -27.54 20.79
CA TYR D 82 31.10 -28.02 21.81
C TYR D 82 31.35 -27.22 23.09
N VAL D 83 30.44 -26.31 23.42
CA VAL D 83 30.66 -25.39 24.53
C VAL D 83 29.83 -25.73 25.77
N ASP D 84 29.16 -26.89 25.73
CA ASP D 84 28.14 -27.22 26.72
C ASP D 84 28.69 -27.67 28.06
N LYS D 85 30.00 -27.57 28.25
CA LYS D 85 30.60 -27.83 29.56
C LYS D 85 31.32 -26.58 30.09
N CYS D 86 31.24 -25.48 29.33
CA CYS D 86 31.79 -24.22 29.80
C CYS D 86 31.04 -23.77 31.04
N LEU D 87 31.76 -23.17 31.97
CA LEU D 87 31.16 -22.77 33.23
C LEU D 87 30.50 -21.40 33.09
N ILE D 88 29.18 -21.36 33.28
CA ILE D 88 28.47 -20.10 33.36
C ILE D 88 28.53 -19.60 34.78
N VAL D 89 29.21 -18.48 34.99
CA VAL D 89 29.41 -17.97 36.32
C VAL D 89 28.40 -16.88 36.67
N PRO D 90 27.59 -17.13 37.71
CA PRO D 90 26.60 -16.15 38.18
C PRO D 90 27.25 -14.91 38.79
N GLY D 91 26.59 -13.77 38.65
CA GLY D 91 27.00 -12.57 39.36
C GLY D 91 28.20 -11.82 38.81
N GLU D 92 29.05 -12.52 38.07
CA GLU D 92 30.27 -11.92 37.55
C GLU D 92 30.21 -11.71 36.04
N ASN D 93 31.02 -10.78 35.54
CA ASN D 93 30.92 -10.37 34.14
C ASN D 93 31.82 -11.18 33.23
N THR D 94 31.36 -11.39 32.01
CA THR D 94 32.12 -12.13 31.02
C THR D 94 33.36 -11.33 30.70
N SER D 95 34.51 -12.01 30.65
CA SER D 95 35.77 -11.33 30.44
C SER D 95 35.79 -10.69 29.06
N SER D 96 36.66 -9.71 28.87
CA SER D 96 36.70 -9.00 27.60
C SER D 96 38.01 -8.28 27.35
N TYR D 97 38.28 -8.04 26.07
CA TYR D 97 39.46 -7.32 25.64
C TYR D 97 39.07 -6.08 24.84
N LEU D 98 39.03 -4.96 25.54
CA LEU D 98 38.73 -3.67 24.93
C LEU D 98 39.96 -3.16 24.19
N SER D 99 39.76 -2.55 23.03
CA SER D 99 40.88 -2.09 22.22
C SER D 99 40.53 -0.89 21.35
N LEU D 100 41.26 0.20 21.61
CA LEU D 100 41.14 1.45 20.87
C LEU D 100 42.18 1.56 19.77
N LEU D 101 41.67 1.51 18.53
CA LEU D 101 42.42 1.60 17.27
C LEU D 101 42.17 2.94 16.59
N MET D 107 47.23 0.67 17.06
CA MET D 107 46.61 0.59 18.38
C MET D 107 47.01 1.74 19.30
N LEU D 108 46.01 2.47 19.79
CA LEU D 108 46.27 3.51 20.77
C LEU D 108 46.25 2.93 22.17
N VAL D 109 45.18 2.22 22.53
CA VAL D 109 45.21 1.65 23.90
C VAL D 109 44.43 0.34 23.98
N ALA D 110 44.60 -0.40 25.08
CA ALA D 110 43.85 -1.63 25.28
C ALA D 110 43.63 -1.91 26.76
N ILE D 111 42.47 -2.50 27.07
CA ILE D 111 42.13 -2.88 28.43
C ILE D 111 41.75 -4.35 28.47
N ASN D 112 42.24 -5.10 29.45
CA ASN D 112 41.74 -6.46 29.60
C ASN D 112 41.08 -6.66 30.95
N ASP D 113 39.89 -7.25 30.92
CA ASP D 113 39.18 -7.62 32.14
C ASP D 113 39.00 -9.12 32.09
N MET D 114 39.85 -9.85 32.81
CA MET D 114 39.93 -11.30 32.68
C MET D 114 40.02 -12.06 34.01
N ASN D 115 39.23 -11.67 35.01
CA ASN D 115 39.42 -12.23 36.34
C ASN D 115 38.49 -13.44 36.53
N ILE D 116 37.50 -13.58 35.66
CA ILE D 116 36.64 -14.76 35.71
C ILE D 116 37.40 -16.01 35.29
N SER D 117 38.59 -15.82 34.72
CA SER D 117 39.46 -16.93 34.39
C SER D 117 39.79 -17.70 35.67
N ASN D 118 39.79 -16.99 36.80
CA ASN D 118 40.08 -17.62 38.09
C ASN D 118 38.92 -18.49 38.57
N ALA D 119 37.81 -18.47 37.84
CA ALA D 119 36.68 -19.34 38.14
C ALA D 119 36.84 -20.69 37.46
N ILE D 120 37.73 -20.74 36.46
CA ILE D 120 38.11 -22.02 35.88
C ILE D 120 38.99 -22.72 36.90
N THR D 121 38.36 -23.30 37.91
CA THR D 121 39.07 -23.78 39.08
C THR D 121 39.39 -25.26 39.00
N ALA D 122 40.12 -25.76 40.00
CA ALA D 122 40.47 -27.16 40.06
C ALA D 122 39.23 -28.03 40.32
N GLU D 123 38.33 -27.55 41.17
CA GLU D 123 37.07 -28.24 41.43
C GLU D 123 36.30 -28.44 40.13
N TYR D 124 36.20 -27.38 39.34
CA TYR D 124 35.51 -27.38 38.06
C TYR D 124 36.03 -28.46 37.11
N LEU D 125 37.34 -28.45 36.86
CA LEU D 125 37.95 -29.42 35.96
C LEU D 125 37.81 -30.83 36.52
N ALA D 126 37.84 -30.92 37.85
CA ALA D 126 37.70 -32.20 38.54
C ALA D 126 36.30 -32.78 38.30
N GLN D 127 35.32 -31.90 38.13
CA GLN D 127 33.97 -32.36 37.78
C GLN D 127 33.93 -33.00 36.39
N HIS D 128 35.00 -32.83 35.62
CA HIS D 128 35.08 -33.40 34.29
C HIS D 128 36.38 -34.17 34.10
N ARG D 129 36.95 -34.62 35.22
CA ARG D 129 38.18 -35.40 35.24
C ARG D 129 38.24 -36.52 34.20
N GLU D 130 37.24 -37.40 34.19
CA GLU D 130 37.28 -38.59 33.35
C GLU D 130 37.14 -38.24 31.87
N PHE D 131 36.29 -37.26 31.60
CA PHE D 131 36.06 -36.78 30.24
C PHE D 131 37.35 -36.19 29.69
N ILE D 132 38.04 -35.43 30.53
CA ILE D 132 39.31 -34.82 30.15
C ILE D 132 40.36 -35.91 29.91
N GLN D 133 40.37 -36.91 30.80
CA GLN D 133 41.36 -37.97 30.75
C GLN D 133 41.10 -38.96 29.63
N ARG D 134 39.97 -38.81 28.94
CA ARG D 134 39.71 -39.66 27.78
C ARG D 134 39.71 -38.87 26.48
N ALA D 135 40.42 -37.74 26.48
CA ALA D 135 40.64 -36.99 25.25
C ALA D 135 41.92 -37.47 24.56
N LYS D 136 42.08 -37.11 23.29
CA LYS D 136 43.28 -37.48 22.56
C LYS D 136 44.41 -36.49 22.84
N VAL D 137 44.04 -35.27 23.18
CA VAL D 137 45.02 -34.25 23.56
C VAL D 137 44.32 -33.11 24.32
N ILE D 138 45.02 -32.57 25.32
CA ILE D 138 44.50 -31.45 26.09
C ILE D 138 45.28 -30.18 25.80
N VAL D 139 44.61 -29.12 25.39
CA VAL D 139 45.28 -27.84 25.17
C VAL D 139 44.90 -26.83 26.24
N ALA D 140 45.91 -26.27 26.91
CA ALA D 140 45.69 -25.33 27.98
C ALA D 140 46.47 -24.04 27.74
N ASP D 141 45.89 -22.91 28.13
CA ASP D 141 46.62 -21.65 28.07
C ASP D 141 46.94 -21.18 29.48
N CYS D 142 47.86 -20.23 29.59
CA CYS D 142 48.34 -19.80 30.88
C CYS D 142 47.56 -18.60 31.42
N ASN D 143 46.38 -18.36 30.83
CA ASN D 143 45.45 -17.39 31.39
C ASN D 143 44.82 -17.93 32.68
N ILE D 144 44.75 -19.24 32.78
CA ILE D 144 44.16 -19.88 33.95
C ILE D 144 45.12 -19.79 35.13
N SER D 145 44.63 -20.05 36.33
CA SER D 145 45.44 -19.92 37.54
C SER D 145 46.51 -21.00 37.62
N GLU D 146 47.55 -20.74 38.41
CA GLU D 146 48.64 -21.68 38.58
C GLU D 146 48.12 -22.98 39.18
N GLU D 147 47.14 -22.87 40.07
CA GLU D 147 46.53 -24.03 40.70
C GLU D 147 45.81 -24.90 39.67
N ALA D 148 45.14 -24.24 38.73
CA ALA D 148 44.35 -24.94 37.72
C ALA D 148 45.25 -25.66 36.71
N LEU D 149 46.30 -24.96 36.27
CA LEU D 149 47.27 -25.53 35.36
C LEU D 149 47.98 -26.70 36.04
N ALA D 150 48.27 -26.52 37.33
CA ALA D 150 48.90 -27.57 38.10
C ALA D 150 48.00 -28.79 38.19
N TRP D 151 46.70 -28.56 38.33
CA TRP D 151 45.77 -29.67 38.41
C TRP D 151 45.72 -30.40 37.08
N ILE D 152 45.70 -29.65 35.98
CA ILE D 152 45.65 -30.26 34.65
C ILE D 152 46.87 -31.12 34.41
N LEU D 153 48.04 -30.57 34.70
CA LEU D 153 49.28 -31.29 34.46
C LEU D 153 49.42 -32.48 35.41
N ASP D 154 48.82 -32.38 36.59
CA ASP D 154 48.90 -33.47 37.56
C ASP D 154 47.88 -34.58 37.30
N ASN D 155 46.85 -34.29 36.52
CA ASN D 155 45.77 -35.27 36.30
C ASN D 155 45.47 -35.53 34.83
N ALA D 156 46.49 -35.51 33.99
CA ALA D 156 46.29 -35.68 32.56
C ALA D 156 46.31 -37.14 32.14
N ALA D 157 46.77 -38.01 33.04
CA ALA D 157 46.76 -39.46 32.80
C ALA D 157 47.40 -39.83 31.48
N ASN D 158 48.61 -39.31 31.24
CA ASN D 158 49.38 -39.59 30.03
C ASN D 158 48.71 -39.11 28.75
N VAL D 159 47.76 -38.20 28.88
CA VAL D 159 47.25 -37.49 27.71
C VAL D 159 48.13 -36.26 27.49
N PRO D 160 48.70 -36.13 26.29
CA PRO D 160 49.61 -35.03 25.97
C PRO D 160 48.98 -33.67 26.22
N VAL D 161 49.65 -32.84 27.02
CA VAL D 161 49.20 -31.49 27.27
C VAL D 161 50.01 -30.50 26.43
N PHE D 162 49.31 -29.80 25.55
CA PHE D 162 49.88 -28.72 24.75
C PHE D 162 49.59 -27.41 25.46
N VAL D 163 50.63 -26.61 25.71
CA VAL D 163 50.46 -25.39 26.49
C VAL D 163 50.81 -24.12 25.73
N ASP D 164 49.89 -23.17 25.73
CA ASP D 164 50.12 -21.84 25.18
C ASP D 164 50.49 -20.87 26.30
N PRO D 165 51.72 -20.32 26.24
CA PRO D 165 52.29 -19.46 27.30
C PRO D 165 51.60 -18.09 27.38
N VAL D 166 50.94 -17.68 26.30
CA VAL D 166 50.16 -16.44 26.22
C VAL D 166 51.02 -15.16 26.27
N SER D 167 51.64 -14.88 27.41
CA SER D 167 52.42 -13.65 27.56
C SER D 167 53.65 -13.85 28.45
N ALA D 168 54.52 -12.84 28.46
CA ALA D 168 55.72 -12.86 29.29
C ALA D 168 55.36 -12.89 30.78
N TRP D 169 54.21 -12.31 31.09
CA TRP D 169 53.72 -12.24 32.46
C TRP D 169 53.11 -13.57 32.92
N LYS D 170 52.47 -14.28 32.00
CA LYS D 170 51.70 -15.45 32.39
C LYS D 170 52.39 -16.77 32.05
N CYS D 171 53.51 -16.71 31.35
CA CYS D 171 54.23 -17.93 30.99
C CYS D 171 54.95 -18.53 32.19
N VAL D 172 55.25 -17.70 33.17
CA VAL D 172 56.12 -18.08 34.27
C VAL D 172 55.61 -19.27 35.08
N LYS D 173 54.29 -19.43 35.15
CA LYS D 173 53.68 -20.50 35.92
C LYS D 173 54.03 -21.87 35.34
N VAL D 174 54.66 -21.85 34.17
CA VAL D 174 55.02 -23.06 33.46
C VAL D 174 56.45 -23.51 33.79
N ARG D 175 57.25 -22.59 34.33
CA ARG D 175 58.68 -22.83 34.51
C ARG D 175 59.01 -24.08 35.32
N ASP D 176 58.28 -24.29 36.41
CA ASP D 176 58.53 -25.45 37.28
C ASP D 176 57.84 -26.73 36.83
N ARG D 177 57.24 -26.73 35.65
CA ARG D 177 56.44 -27.88 35.23
C ARG D 177 56.65 -28.29 33.77
N LEU D 178 57.79 -27.92 33.21
CA LEU D 178 58.11 -28.24 31.83
C LEU D 178 58.19 -29.75 31.61
N ASN D 179 58.37 -30.50 32.69
CA ASN D 179 58.45 -31.96 32.58
C ASN D 179 57.08 -32.62 32.46
N GLN D 180 56.02 -31.85 32.72
CA GLN D 180 54.67 -32.38 32.62
C GLN D 180 54.00 -31.94 31.32
N ILE D 181 54.74 -31.26 30.47
CA ILE D 181 54.19 -30.65 29.27
C ILE D 181 54.72 -31.30 27.99
N HIS D 182 53.82 -31.68 27.10
CA HIS D 182 54.21 -32.36 25.87
C HIS D 182 54.81 -31.38 24.87
N THR D 183 54.15 -30.24 24.71
CA THR D 183 54.59 -29.23 23.75
C THR D 183 54.33 -27.82 24.27
N LEU D 184 55.38 -26.99 24.27
CA LEU D 184 55.25 -25.59 24.66
C LEU D 184 55.54 -24.72 23.44
N LYS D 185 54.74 -23.68 23.26
CA LYS D 185 54.92 -22.78 22.13
C LYS D 185 55.16 -21.34 22.57
N PRO D 186 56.39 -21.03 23.01
CA PRO D 186 56.66 -19.66 23.43
C PRO D 186 57.19 -18.81 22.28
N ASN D 187 57.00 -17.51 22.37
CA ASN D 187 57.68 -16.59 21.46
C ASN D 187 59.04 -16.24 22.06
N ARG D 188 59.76 -15.33 21.43
CA ARG D 188 61.08 -14.93 21.90
C ARG D 188 61.08 -14.46 23.34
N LEU D 189 60.23 -13.47 23.62
CA LEU D 189 60.19 -12.84 24.93
C LEU D 189 59.82 -13.84 26.02
N GLU D 190 58.88 -14.73 25.70
CA GLU D 190 58.42 -15.73 26.65
C GLU D 190 59.52 -16.74 26.96
N ALA D 191 60.26 -17.15 25.92
CA ALA D 191 61.36 -18.07 26.10
C ALA D 191 62.48 -17.45 26.94
N GLU D 192 62.78 -16.18 26.67
CA GLU D 192 63.79 -15.47 27.46
C GLU D 192 63.36 -15.37 28.92
N THR D 193 62.09 -15.05 29.12
CA THR D 193 61.53 -14.90 30.45
C THR D 193 61.60 -16.20 31.24
N LEU D 194 61.31 -17.30 30.56
CA LEU D 194 61.31 -18.61 31.22
C LEU D 194 62.72 -19.07 31.53
N SER D 195 63.60 -19.02 30.54
CA SER D 195 64.94 -19.60 30.68
C SER D 195 65.88 -18.71 31.49
N GLY D 196 65.70 -17.40 31.39
CA GLY D 196 66.61 -16.46 32.03
C GLY D 196 67.84 -16.29 31.17
N ILE D 197 67.71 -16.69 29.91
CA ILE D 197 68.79 -16.58 28.95
C ILE D 197 68.35 -15.62 27.85
N ALA D 198 69.22 -14.70 27.49
CA ALA D 198 68.89 -13.68 26.51
C ALA D 198 68.89 -14.30 25.13
N LEU D 199 67.86 -13.96 24.34
CA LEU D 199 67.83 -14.40 22.96
C LEU D 199 68.07 -13.20 22.06
N SER D 200 69.31 -12.72 22.08
CA SER D 200 69.73 -11.60 21.26
C SER D 200 69.59 -11.92 19.77
N GLY D 201 69.96 -13.14 19.41
CA GLY D 201 69.95 -13.56 18.01
C GLY D 201 69.81 -15.05 17.84
N ARG D 202 69.87 -15.50 16.59
CA ARG D 202 69.69 -16.90 16.24
C ARG D 202 70.76 -17.84 16.77
N ASP D 203 71.87 -17.29 17.29
CA ASP D 203 72.91 -18.12 17.87
C ASP D 203 72.61 -18.58 19.29
N ASP D 204 71.48 -18.17 19.82
CA ASP D 204 71.18 -18.46 21.22
C ASP D 204 70.06 -19.47 21.40
N VAL D 205 69.38 -19.81 20.31
CA VAL D 205 68.21 -20.69 20.41
C VAL D 205 68.63 -22.04 20.99
N ALA D 206 69.81 -22.51 20.59
CA ALA D 206 70.28 -23.80 21.05
C ALA D 206 70.45 -23.74 22.56
N LYS D 207 71.08 -22.67 23.03
CA LYS D 207 71.34 -22.55 24.46
C LYS D 207 70.02 -22.49 25.18
N VAL D 208 69.05 -21.86 24.54
CA VAL D 208 67.74 -21.73 25.14
C VAL D 208 67.04 -23.09 25.11
N ALA D 209 67.11 -23.74 23.95
CA ALA D 209 66.42 -25.01 23.78
C ALA D 209 66.97 -26.05 24.72
N ALA D 210 68.28 -26.08 24.87
CA ALA D 210 68.92 -27.03 25.75
C ALA D 210 68.45 -26.81 27.17
N TRP D 211 68.26 -25.54 27.54
CA TRP D 211 67.82 -25.24 28.89
C TRP D 211 66.45 -25.84 29.07
N PHE D 212 65.60 -25.64 28.07
CA PHE D 212 64.24 -26.16 28.13
C PHE D 212 64.28 -27.66 28.26
N HIS D 213 65.17 -28.29 27.51
CA HIS D 213 65.25 -29.73 27.55
C HIS D 213 65.84 -30.24 28.85
N GLN D 214 66.74 -29.47 29.45
CA GLN D 214 67.33 -29.90 30.72
C GLN D 214 66.34 -29.79 31.87
N HIS D 215 65.31 -28.96 31.69
CA HIS D 215 64.29 -28.81 32.70
C HIS D 215 63.06 -29.66 32.39
N GLY D 216 63.19 -30.54 31.40
CA GLY D 216 62.20 -31.58 31.19
C GLY D 216 61.18 -31.37 30.07
N LEU D 217 61.31 -30.30 29.31
CA LEU D 217 60.36 -30.05 28.23
C LEU D 217 60.55 -31.05 27.09
N ASN D 218 59.48 -31.77 26.78
CA ASN D 218 59.50 -32.76 25.71
C ASN D 218 59.72 -32.11 24.35
N ARG D 219 58.85 -31.14 24.01
CA ARG D 219 58.95 -30.47 22.72
C ARG D 219 58.85 -28.95 22.85
N LEU D 220 59.72 -28.27 22.10
CA LEU D 220 59.73 -26.81 22.06
C LEU D 220 59.40 -26.30 20.67
N VAL D 221 58.38 -25.47 20.56
CA VAL D 221 58.08 -24.77 19.32
C VAL D 221 58.27 -23.26 19.56
N LEU D 222 59.38 -22.75 19.09
CA LEU D 222 59.82 -21.39 19.40
C LEU D 222 59.58 -20.43 18.24
N SER D 223 58.57 -19.58 18.36
CA SER D 223 58.30 -18.58 17.33
C SER D 223 59.21 -17.37 17.49
N MET D 224 59.98 -17.07 16.45
CA MET D 224 61.02 -16.06 16.54
C MET D 224 60.67 -14.81 15.75
N GLY D 225 59.47 -14.78 15.19
CA GLY D 225 59.04 -13.68 14.36
C GLY D 225 59.58 -13.82 12.96
N GLY D 226 60.39 -12.84 12.55
CA GLY D 226 60.94 -12.83 11.20
C GLY D 226 62.01 -13.88 11.00
N ASP D 227 62.69 -14.24 12.09
CA ASP D 227 63.69 -15.29 12.03
C ASP D 227 63.06 -16.64 11.71
N GLY D 228 61.80 -16.81 12.11
CA GLY D 228 61.05 -18.01 11.78
C GLY D 228 60.64 -18.81 13.00
N VAL D 229 60.49 -20.12 12.81
CA VAL D 229 60.20 -21.02 13.92
C VAL D 229 61.32 -22.02 14.17
N TYR D 230 61.87 -22.01 15.38
CA TYR D 230 62.85 -23.01 15.77
C TYR D 230 62.18 -24.11 16.59
N TYR D 231 62.22 -25.34 16.09
CA TYR D 231 61.59 -26.46 16.79
C TYR D 231 62.64 -27.42 17.31
N SER D 232 62.43 -27.92 18.53
CA SER D 232 63.40 -28.82 19.16
C SER D 232 62.74 -29.94 19.97
N ASP D 233 63.16 -31.16 19.69
CA ASP D 233 62.69 -32.35 20.40
C ASP D 233 63.77 -32.84 21.37
N ILE D 234 63.38 -33.10 22.61
CA ILE D 234 64.30 -33.56 23.65
C ILE D 234 65.05 -34.84 23.26
N ARG D 235 64.54 -35.56 22.24
CA ARG D 235 65.20 -36.77 21.77
C ARG D 235 66.27 -36.48 20.73
N GLY D 236 66.46 -35.20 20.40
CA GLY D 236 67.56 -34.79 19.55
C GLY D 236 67.23 -34.06 18.26
N GLU D 237 66.03 -34.28 17.72
CA GLU D 237 65.65 -33.58 16.49
C GLU D 237 65.42 -32.10 16.74
N ASN D 238 66.03 -31.27 15.89
CA ASN D 238 65.80 -29.83 15.94
C ASN D 238 66.00 -29.21 14.56
N GLY D 239 65.43 -28.02 14.36
CA GLY D 239 65.62 -27.32 13.12
C GLY D 239 64.91 -25.99 13.02
N TRP D 240 65.18 -25.27 11.93
CA TRP D 240 64.49 -24.03 11.62
C TRP D 240 63.44 -24.26 10.55
N SER D 241 62.40 -23.45 10.59
CA SER D 241 61.44 -23.35 9.49
C SER D 241 61.23 -21.87 9.23
N ALA D 242 61.58 -21.44 8.02
CA ALA D 242 61.49 -20.02 7.66
C ALA D 242 60.02 -19.67 7.49
N PRO D 243 59.67 -18.40 7.77
CA PRO D 243 58.25 -18.05 7.73
C PRO D 243 57.67 -18.20 6.34
N ILE D 244 56.39 -18.57 6.28
CA ILE D 244 55.64 -18.45 5.05
C ILE D 244 55.44 -16.97 4.82
N LYS D 245 55.90 -16.45 3.69
CA LYS D 245 55.82 -15.02 3.51
C LYS D 245 54.47 -14.63 2.97
N THR D 246 53.89 -13.60 3.58
CA THR D 246 52.47 -13.30 3.44
C THR D 246 52.26 -11.80 3.48
N ASN D 247 51.08 -11.36 3.05
CA ASN D 247 50.70 -9.97 3.21
C ASN D 247 49.79 -9.82 4.42
N VAL D 248 50.39 -9.50 5.55
CA VAL D 248 49.69 -9.48 6.83
C VAL D 248 48.74 -8.30 6.91
N ILE D 249 47.53 -8.57 7.42
CA ILE D 249 46.56 -7.51 7.65
C ILE D 249 46.08 -7.54 9.12
N ASN D 250 45.97 -8.72 9.74
CA ASN D 250 45.91 -8.75 11.21
C ASN D 250 46.87 -9.81 11.76
N VAL D 251 47.26 -9.63 13.02
CA VAL D 251 48.25 -10.47 13.70
C VAL D 251 47.63 -11.29 14.82
N THR D 252 46.47 -10.84 15.28
CA THR D 252 45.74 -11.54 16.32
C THR D 252 45.30 -12.89 15.80
N GLY D 253 45.32 -13.87 16.69
CA GLY D 253 44.91 -15.23 16.35
C GLY D 253 45.97 -16.00 15.59
N ALA D 254 47.17 -15.42 15.47
CA ALA D 254 48.27 -16.09 14.78
C ALA D 254 48.74 -17.29 15.58
N GLY D 255 49.21 -17.05 16.81
CA GLY D 255 49.66 -18.10 17.68
C GLY D 255 48.56 -19.08 18.03
N ASP D 256 47.32 -18.60 18.07
CA ASP D 256 46.18 -19.45 18.34
C ASP D 256 45.99 -20.46 17.21
N ALA D 257 46.14 -19.97 15.98
CA ALA D 257 46.01 -20.81 14.81
C ALA D 257 47.16 -21.81 14.75
N MET D 258 48.36 -21.35 15.11
CA MET D 258 49.52 -22.24 15.13
C MET D 258 49.35 -23.36 16.17
N MET D 259 48.88 -23.00 17.36
CA MET D 259 48.66 -23.98 18.41
C MET D 259 47.63 -25.01 17.97
N ALA D 260 46.55 -24.53 17.38
CA ALA D 260 45.52 -25.43 16.85
C ALA D 260 46.15 -26.37 15.82
N GLY D 261 47.03 -25.82 14.99
CA GLY D 261 47.70 -26.62 13.97
C GLY D 261 48.55 -27.72 14.58
N LEU D 262 49.32 -27.40 15.62
CA LEU D 262 50.18 -28.38 16.26
C LEU D 262 49.36 -29.49 16.90
N ALA D 263 48.34 -29.12 17.67
CA ALA D 263 47.51 -30.13 18.33
C ALA D 263 46.81 -31.04 17.32
N SER D 264 46.23 -30.42 16.28
CA SER D 264 45.50 -31.16 15.26
C SER D 264 46.42 -32.11 14.51
N CYS D 265 47.56 -31.61 14.05
CA CYS D 265 48.54 -32.45 13.37
C CYS D 265 49.03 -33.59 14.25
N TRP D 266 49.20 -33.33 15.54
CA TRP D 266 49.59 -34.39 16.45
C TRP D 266 48.55 -35.48 16.49
N VAL D 267 47.28 -35.08 16.62
CA VAL D 267 46.18 -36.05 16.64
C VAL D 267 46.09 -36.82 15.33
N ASP D 268 46.45 -36.17 14.23
CA ASP D 268 46.39 -36.80 12.91
C ASP D 268 47.57 -37.73 12.65
N GLY D 269 48.46 -37.85 13.61
CA GLY D 269 49.60 -38.75 13.49
C GLY D 269 50.79 -38.21 12.70
N MET D 270 50.79 -36.91 12.44
CA MET D 270 51.87 -36.29 11.67
C MET D 270 53.16 -36.15 12.47
N PRO D 271 54.31 -36.24 11.78
CA PRO D 271 55.62 -36.02 12.40
C PRO D 271 55.80 -34.59 12.90
N PHE D 272 56.83 -34.34 13.68
CA PHE D 272 57.03 -33.07 14.35
C PHE D 272 57.24 -31.91 13.36
N ALA D 273 58.26 -32.04 12.51
CA ALA D 273 58.64 -30.99 11.58
C ALA D 273 57.49 -30.57 10.65
N GLU D 274 56.86 -31.55 10.00
CA GLU D 274 55.77 -31.28 9.09
C GLU D 274 54.58 -30.67 9.82
N SER D 275 54.45 -31.02 11.10
CA SER D 275 53.39 -30.46 11.93
C SER D 275 53.69 -28.99 12.18
N VAL D 276 54.98 -28.67 12.30
CA VAL D 276 55.39 -27.29 12.53
C VAL D 276 55.14 -26.46 11.28
N ARG D 277 55.51 -26.99 10.13
CA ARG D 277 55.27 -26.30 8.85
C ARG D 277 53.78 -26.06 8.64
N PHE D 278 52.99 -27.10 8.86
CA PHE D 278 51.52 -26.98 8.75
C PHE D 278 51.00 -25.90 9.69
N ALA D 279 51.52 -25.90 10.92
CA ALA D 279 51.07 -24.94 11.93
C ALA D 279 51.38 -23.52 11.48
N GLN D 280 52.53 -23.36 10.82
CA GLN D 280 52.88 -22.08 10.23
C GLN D 280 51.88 -21.72 9.14
N GLY D 281 51.42 -22.73 8.39
CA GLY D 281 50.39 -22.52 7.40
C GLY D 281 49.12 -21.95 8.01
N CYS D 282 48.66 -22.58 9.09
CA CYS D 282 47.51 -22.09 9.84
C CYS D 282 47.70 -20.65 10.29
N SER D 283 48.86 -20.37 10.87
CA SER D 283 49.13 -19.05 11.43
C SER D 283 49.12 -18.01 10.33
N SER D 284 49.60 -18.40 9.16
CA SER D 284 49.57 -17.54 7.98
C SER D 284 48.15 -17.23 7.56
N MET D 285 47.34 -18.29 7.42
CA MET D 285 45.92 -18.12 7.10
C MET D 285 45.22 -17.15 8.06
N ALA D 286 45.58 -17.26 9.34
CA ALA D 286 45.03 -16.35 10.34
C ALA D 286 45.54 -14.93 10.13
N LEU D 287 46.81 -14.79 9.74
CA LEU D 287 47.41 -13.48 9.55
C LEU D 287 46.77 -12.67 8.42
N SER D 288 46.09 -13.36 7.50
CA SER D 288 45.55 -12.70 6.31
C SER D 288 44.03 -12.49 6.31
N CYS D 289 43.42 -12.46 7.49
CA CYS D 289 41.97 -12.29 7.61
C CYS D 289 41.66 -11.30 8.73
N GLU D 290 40.93 -10.24 8.40
CA GLU D 290 40.55 -9.17 9.36
C GLU D 290 40.12 -9.66 10.74
N TYR D 291 39.55 -10.85 10.80
CA TYR D 291 39.02 -11.35 12.05
C TYR D 291 40.07 -12.16 12.79
N THR D 292 39.79 -12.48 14.05
CA THR D 292 40.74 -13.20 14.89
C THR D 292 40.85 -14.66 14.47
N ASN D 293 39.77 -15.19 13.91
CA ASN D 293 39.79 -16.52 13.31
C ASN D 293 39.33 -16.46 11.86
N ASN D 294 40.01 -17.20 10.99
CA ASN D 294 39.65 -17.26 9.58
C ASN D 294 38.71 -18.42 9.31
N PRO D 295 37.49 -18.12 8.84
CA PRO D 295 36.49 -19.17 8.55
C PRO D 295 36.83 -20.01 7.33
N ASP D 296 37.91 -19.67 6.62
CA ASP D 296 38.39 -20.54 5.56
C ASP D 296 39.68 -21.21 5.98
N LEU D 297 39.92 -21.26 7.28
CA LEU D 297 40.98 -22.12 7.81
C LEU D 297 40.50 -23.55 7.70
N SER D 298 41.22 -24.35 6.94
CA SER D 298 40.85 -25.73 6.71
C SER D 298 42.06 -26.51 6.23
N ILE D 299 42.05 -27.82 6.45
CA ILE D 299 43.13 -28.70 6.01
C ILE D 299 43.46 -28.43 4.54
N ALA D 300 42.41 -28.28 3.74
CA ALA D 300 42.53 -27.99 2.31
C ALA D 300 43.39 -26.75 2.02
N ASN D 301 43.00 -25.59 2.54
CA ASN D 301 43.68 -24.34 2.16
C ASN D 301 44.99 -24.09 2.92
N VAL D 302 45.17 -24.70 4.08
CA VAL D 302 46.48 -24.71 4.72
C VAL D 302 47.45 -25.56 3.91
N ILE D 303 47.01 -26.74 3.51
CA ILE D 303 47.84 -27.60 2.69
C ILE D 303 48.15 -26.86 1.40
N SER D 304 47.17 -26.16 0.86
CA SER D 304 47.37 -25.37 -0.35
C SER D 304 48.42 -24.28 -0.12
N LEU D 305 48.40 -23.69 1.07
CA LEU D 305 49.38 -22.66 1.40
C LEU D 305 50.80 -23.22 1.55
N VAL D 306 50.93 -24.47 1.99
CA VAL D 306 52.27 -25.04 2.21
C VAL D 306 52.86 -25.71 0.97
N GLU D 307 52.07 -26.46 0.19
CA GLU D 307 52.59 -27.04 -1.05
C GLU D 307 52.99 -25.94 -2.02
N ASN D 308 52.35 -24.79 -1.86
CA ASN D 308 52.67 -23.63 -2.68
C ASN D 308 53.89 -22.93 -2.08
N ALA D 309 55.00 -23.64 -2.05
CA ALA D 309 56.26 -23.11 -1.53
C ALA D 309 57.37 -23.24 -2.57
O5' CTN E . -15.74 11.68 -30.06
C5' CTN E . -17.13 11.41 -29.94
C4' CTN E . -17.44 10.68 -28.65
O4' CTN E . -16.86 11.39 -27.56
C1' CTN E . -17.59 11.13 -26.39
N1 CTN E . -17.37 12.25 -25.46
C6 CTN E . -17.87 13.46 -25.74
C5 CTN E . -17.65 14.50 -24.88
C4 CTN E . -16.92 14.31 -23.75
N3 CTN E . -16.42 13.10 -23.47
C2 CTN E . -16.63 12.05 -24.33
O2 CTN E . -16.18 10.96 -24.07
N4 CTN E . -16.70 15.38 -22.85
C2' CTN E . -19.05 11.00 -26.84
O2' CTN E . -19.76 10.11 -26.02
C3' CTN E . -18.94 10.55 -28.32
O3' CTN E . -19.33 9.18 -28.44
O5' CTN F . -47.20 6.63 -19.76
C5' CTN F . -45.82 6.99 -19.91
C4' CTN F . -45.08 5.99 -20.78
O4' CTN F . -45.83 5.81 -22.00
C1' CTN F . -44.94 5.38 -23.00
N1 CTN F . -45.54 5.71 -24.30
C6 CTN F . -45.59 6.99 -24.71
C5 CTN F . -46.15 7.29 -25.91
C4 CTN F . -46.67 6.30 -26.69
N3 CTN F . -46.61 5.03 -26.28
C2 CTN F . -46.05 4.72 -25.08
O2 CTN F . -46.01 3.56 -24.71
N4 CTN F . -47.25 6.61 -27.94
C2' CTN F . -43.61 6.09 -22.71
O2' CTN F . -42.51 5.29 -23.09
C3' CTN F . -43.68 6.42 -21.21
O3' CTN F . -42.72 5.63 -20.50
O5' CTN G . 21.62 8.55 27.62
C5' CTN G . 22.72 7.64 27.53
C4' CTN G . 22.50 6.61 26.45
O4' CTN G . 22.29 7.29 25.20
C1' CTN G . 22.69 6.44 24.15
N1 CTN G . 22.99 7.28 22.98
C6 CTN G . 24.05 8.09 22.99
C5 CTN G . 24.33 8.87 21.91
C4 CTN G . 23.51 8.83 20.82
N3 CTN G . 22.44 8.02 20.82
C2 CTN G . 22.17 7.25 21.90
O2 CTN G . 21.20 6.51 21.90
N4 CTN G . 23.79 9.65 19.69
C2' CTN G . 23.91 5.68 24.70
O2' CTN G . 24.03 4.41 24.10
C3' CTN G . 23.66 5.64 26.22
O3' CTN G . 23.26 4.33 26.61
O5' CTN H . 45.59 -13.82 20.68
C5' CTN H . 44.59 -12.81 20.62
C4' CTN H . 43.46 -13.09 21.58
O4' CTN H . 44.01 -13.33 22.90
C1' CTN H . 43.05 -13.01 23.85
N1 CTN H . 43.76 -12.71 25.12
C6 CTN H . 44.40 -11.54 25.25
C5 CTN H . 45.06 -11.26 26.42
C4 CTN H . 45.07 -12.18 27.43
N3 CTN H . 44.43 -13.34 27.28
C2 CTN H . 43.76 -13.62 26.13
O2 CTN H . 43.18 -14.68 25.99
N4 CTN H . 45.75 -11.88 28.63
C2' CTN H . 42.26 -11.82 23.28
O2' CTN H . 40.91 -11.85 23.72
C3' CTN H . 42.44 -11.95 21.76
O3' CTN H . 41.21 -12.34 21.15
#